data_8EXS
#
_entry.id   8EXS
#
_cell.length_a   1.00
_cell.length_b   1.00
_cell.length_c   1.00
_cell.angle_alpha   90.00
_cell.angle_beta   90.00
_cell.angle_gamma   90.00
#
_symmetry.space_group_name_H-M   'P 1'
#
loop_
_entity.id
_entity.type
_entity.pdbx_description
1 polymer 'Beta-lactam sensor/signal transducer BlaR1'
2 non-polymer 'ZINC ION'
#
_entity_poly.entity_id   1
_entity_poly.type   'polypeptide(L)'
_entity_poly.pdbx_seq_one_letter_code
;MAKLLIMSIVSFCFIFLLLLFFRYILKRYFNYMLNYKVWYLTLLAGLIPFIPIKFSLFKFNNVNNQAPTVESKSHDLNHN
INTTKPIQEFATDIHKFNWDSIDNICTVIWIVLVIILSFKFLKALLYLKYLKKQSLYLNENEKNKIDTILFNHQYKKNIV
IRKAETIQSPITFWYGKYIILIPSSYFKSVIDKRLKYIILHEYAHAKNRDTLHLIIFNIFSIIMSYNPLVHIVKRKIIHD
NEVEADRFVLNNINKNEFKTYAESIMDSVLNVPFFNKNILSHSANGKKSLLKRRLINIKEANLKKQSKLILIFICIFTFL
LMVIQSQFLMGQSITDYNYKKPLHNDYQILDKSKIFGSNSGSFVMYSMKKDKYYIYNEKESRKRYSPNSTYKIYLAMFGL
DRHIINDENSRMSWNHKHYPFDAWNKEQDLNTAMQNSVNWYFERISDQIPKNYTATQLKQLNYGNKNLGSYKSYWMEDSL
KISNLEQVIVFKNMMEQNNHFSKKAKNQLSSSLLIKKNEKYELYGKTGTGIVNGKYNNGWFVGYVITNHDKYYFATHLSD
GKPSGKNAELISEKILKEMGVLNGQELALVPRGSSAHHHHHH
;
_entity_poly.pdbx_strand_id   A,B
#
loop_
_chem_comp.id
_chem_comp.type
_chem_comp.name
_chem_comp.formula
ZN non-polymer 'ZINC ION' 'Zn 2'
#
# COMPACT_ATOMS: atom_id res chain seq x y z
N MET A 1 9.80 0.08 11.98
CA MET A 1 8.53 0.11 12.70
C MET A 1 7.36 -0.22 11.84
N ALA A 2 7.46 0.02 10.55
CA ALA A 2 6.30 -0.18 9.70
C ALA A 2 5.81 -1.59 9.81
N LYS A 3 6.73 -2.52 9.83
CA LYS A 3 6.32 -3.90 9.89
C LYS A 3 5.58 -4.19 11.18
N LEU A 4 6.05 -3.60 12.27
CA LEU A 4 5.43 -3.86 13.56
C LEU A 4 4.07 -3.26 13.65
N LEU A 5 3.93 -2.06 13.11
CA LEU A 5 2.68 -1.35 13.14
C LEU A 5 1.69 -2.17 12.33
N ILE A 6 2.14 -2.72 11.22
CA ILE A 6 1.31 -3.55 10.39
C ILE A 6 0.92 -4.81 11.12
N MET A 7 1.88 -5.47 11.73
CA MET A 7 1.59 -6.69 12.44
C MET A 7 0.56 -6.43 13.50
N SER A 8 0.69 -5.30 14.18
CA SER A 8 -0.24 -4.91 15.20
C SER A 8 -1.62 -4.75 14.66
N ILE A 9 -1.72 -4.09 13.51
CA ILE A 9 -3.00 -3.93 12.89
C ILE A 9 -3.59 -5.28 12.59
N VAL A 10 -2.78 -6.18 12.05
CA VAL A 10 -3.26 -7.50 11.73
C VAL A 10 -3.76 -8.22 12.96
N SER A 11 -2.97 -8.20 14.02
CA SER A 11 -3.33 -8.89 15.23
C SER A 11 -4.63 -8.34 15.76
N PHE A 12 -4.72 -7.02 15.80
CA PHE A 12 -5.88 -6.33 16.28
C PHE A 12 -7.07 -6.73 15.49
N CYS A 13 -6.98 -6.63 14.15
CA CYS A 13 -8.14 -6.85 13.33
C CYS A 13 -8.61 -8.27 13.41
N PHE A 14 -7.70 -9.20 13.65
CA PHE A 14 -8.09 -10.57 13.80
C PHE A 14 -9.02 -10.71 14.97
N ILE A 15 -8.57 -10.25 16.12
CA ILE A 15 -9.36 -10.38 17.31
C ILE A 15 -10.61 -9.57 17.20
N PHE A 16 -10.47 -8.39 16.66
CA PHE A 16 -11.57 -7.50 16.48
C PHE A 16 -12.65 -8.16 15.68
N LEU A 17 -12.29 -8.75 14.56
CA LEU A 17 -13.26 -9.41 13.75
C LEU A 17 -13.90 -10.57 14.47
N LEU A 18 -13.12 -11.34 15.22
CA LEU A 18 -13.73 -12.45 15.91
C LEU A 18 -14.78 -11.91 16.84
N LEU A 19 -14.45 -10.83 17.52
CA LEU A 19 -15.41 -10.28 18.41
C LEU A 19 -16.61 -9.75 17.66
N LEU A 20 -16.41 -9.13 16.51
CA LEU A 20 -17.57 -8.64 15.81
C LEU A 20 -18.47 -9.80 15.45
N PHE A 21 -17.86 -10.91 15.06
CA PHE A 21 -18.62 -12.09 14.76
C PHE A 21 -19.44 -12.50 15.94
N PHE A 22 -18.82 -12.62 17.09
CA PHE A 22 -19.55 -13.05 18.24
C PHE A 22 -20.63 -12.06 18.57
N ARG A 23 -20.32 -10.79 18.48
CA ARG A 23 -21.29 -9.77 18.78
C ARG A 23 -22.52 -10.02 17.96
N TYR A 24 -22.32 -10.25 16.67
CA TYR A 24 -23.44 -10.51 15.80
C TYR A 24 -24.25 -11.68 16.27
N ILE A 25 -23.59 -12.80 16.53
CA ILE A 25 -24.28 -14.01 16.92
C ILE A 25 -25.04 -13.86 18.21
N LEU A 26 -24.39 -13.27 19.19
CA LEU A 26 -25.00 -13.12 20.48
C LEU A 26 -26.28 -12.35 20.37
N LYS A 27 -26.26 -11.27 19.63
CA LYS A 27 -27.49 -10.53 19.54
C LYS A 27 -28.47 -11.24 18.63
N ARG A 28 -28.02 -11.57 17.43
CA ARG A 28 -28.85 -12.19 16.41
C ARG A 28 -29.64 -13.38 16.87
N TYR A 29 -29.03 -14.26 17.65
CA TYR A 29 -29.75 -15.44 18.05
C TYR A 29 -30.16 -15.49 19.50
N PHE A 30 -29.53 -14.73 20.39
CA PHE A 30 -29.84 -14.87 21.79
C PHE A 30 -30.25 -13.60 22.52
N ASN A 31 -30.14 -12.43 21.88
CA ASN A 31 -30.30 -11.16 22.55
C ASN A 31 -29.25 -11.03 23.65
N TYR A 32 -28.05 -11.50 23.36
CA TYR A 32 -26.94 -11.43 24.29
C TYR A 32 -25.97 -10.46 23.71
N MET A 33 -25.11 -9.90 24.54
CA MET A 33 -24.12 -8.96 24.05
C MET A 33 -22.79 -9.16 24.73
N LEU A 34 -21.74 -8.71 24.08
CA LEU A 34 -20.41 -8.80 24.65
C LEU A 34 -20.27 -7.90 25.84
N ASN A 35 -19.45 -8.31 26.78
CA ASN A 35 -19.09 -7.42 27.86
C ASN A 35 -17.96 -6.68 27.27
N TYR A 36 -18.18 -5.41 27.02
CA TYR A 36 -17.25 -4.56 26.33
C TYR A 36 -15.83 -4.66 26.82
N LYS A 37 -15.59 -5.11 28.03
CA LYS A 37 -14.23 -5.16 28.51
C LYS A 37 -13.41 -6.06 27.62
N VAL A 38 -14.08 -6.94 26.91
CA VAL A 38 -13.46 -7.87 26.02
C VAL A 38 -12.68 -7.16 24.95
N TRP A 39 -13.05 -5.93 24.64
CA TRP A 39 -12.39 -5.19 23.61
C TRP A 39 -11.00 -4.82 24.02
N TYR A 40 -10.67 -4.96 25.29
CA TYR A 40 -9.33 -4.68 25.70
C TYR A 40 -8.43 -5.67 25.03
N LEU A 41 -8.96 -6.82 24.65
CA LEU A 41 -8.17 -7.80 23.99
C LEU A 41 -7.70 -7.29 22.67
N THR A 42 -8.45 -6.41 21.99
CA THR A 42 -7.96 -5.98 20.71
C THR A 42 -6.82 -5.07 20.96
N LEU A 43 -6.93 -4.26 22.01
CA LEU A 43 -5.82 -3.40 22.24
C LEU A 43 -4.63 -4.23 22.56
N LEU A 44 -4.82 -5.22 23.40
CA LEU A 44 -3.71 -6.04 23.78
C LEU A 44 -3.15 -6.75 22.59
N ALA A 45 -4.01 -7.21 21.72
CA ALA A 45 -3.57 -7.93 20.55
C ALA A 45 -2.62 -7.10 19.74
N GLY A 46 -2.90 -5.82 19.64
CA GLY A 46 -2.08 -4.94 18.85
C GLY A 46 -0.80 -4.49 19.56
N LEU A 47 -0.62 -4.92 20.78
CA LEU A 47 0.57 -4.57 21.51
C LEU A 47 1.50 -5.73 21.48
N ILE A 48 1.03 -6.86 20.96
CA ILE A 48 1.82 -8.04 21.01
C ILE A 48 3.12 -7.96 20.26
N PRO A 49 3.17 -7.40 19.05
CA PRO A 49 4.35 -7.36 18.24
C PRO A 49 5.51 -6.67 18.88
N PHE A 50 5.24 -5.88 19.92
CA PHE A 50 6.28 -5.12 20.56
C PHE A 50 6.82 -5.79 21.81
N ILE A 51 6.43 -7.02 22.06
CA ILE A 51 6.92 -7.71 23.24
C ILE A 51 8.13 -8.58 22.87
N PRO A 52 9.34 -8.27 23.37
CA PRO A 52 10.60 -8.88 22.97
C PRO A 52 10.87 -10.27 23.53
N ILE A 53 9.99 -11.19 23.23
CA ILE A 53 10.16 -12.57 23.66
C ILE A 53 10.12 -13.48 22.47
N LYS A 54 11.13 -14.32 22.31
CA LYS A 54 11.16 -15.25 21.20
C LYS A 54 10.29 -16.45 21.49
N PHE A 55 8.99 -16.18 21.52
CA PHE A 55 7.94 -17.12 21.82
C PHE A 55 7.40 -17.79 20.58
N SER A 56 7.22 -19.08 20.65
CA SER A 56 6.65 -19.85 19.57
C SER A 56 6.13 -21.11 20.19
N LEU A 57 5.34 -21.88 19.46
CA LEU A 57 4.86 -23.15 19.98
C LEU A 57 4.96 -24.22 18.90
N ILE A 87 43.22 -11.09 -1.01
CA ILE A 87 41.94 -11.61 -1.51
C ILE A 87 41.57 -10.75 -2.70
N GLN A 88 41.16 -11.35 -3.82
CA GLN A 88 40.83 -10.48 -4.95
C GLN A 88 39.46 -9.91 -4.68
N GLU A 89 39.29 -8.61 -4.82
CA GLU A 89 38.00 -8.04 -4.48
C GLU A 89 37.02 -8.02 -5.64
N PHE A 90 36.02 -8.86 -5.52
CA PHE A 90 34.99 -9.02 -6.52
C PHE A 90 33.65 -9.01 -5.79
N ALA A 91 32.62 -8.41 -6.35
CA ALA A 91 31.32 -8.43 -5.68
C ALA A 91 30.18 -8.08 -6.62
N THR A 92 28.97 -8.52 -6.24
CA THR A 92 27.76 -8.18 -6.97
C THR A 92 26.79 -7.37 -6.11
N ASP A 93 25.82 -6.76 -6.79
CA ASP A 93 24.75 -5.90 -6.23
C ASP A 93 23.51 -6.67 -5.76
N ILE A 94 23.19 -6.59 -4.47
CA ILE A 94 22.03 -7.30 -3.95
C ILE A 94 20.83 -6.35 -3.94
N HIS A 95 19.82 -6.65 -4.75
CA HIS A 95 18.69 -5.74 -4.90
C HIS A 95 17.57 -5.83 -3.87
N LYS A 96 17.78 -5.17 -2.75
CA LYS A 96 16.77 -5.16 -1.69
C LYS A 96 15.75 -4.03 -1.81
N PHE A 97 14.56 -4.29 -1.25
CA PHE A 97 13.45 -3.36 -1.14
C PHE A 97 13.79 -2.12 -0.32
N ASN A 98 13.33 -0.96 -0.78
CA ASN A 98 13.61 0.26 -0.04
C ASN A 98 12.73 0.43 1.18
N TRP A 99 13.14 -0.23 2.25
CA TRP A 99 12.40 -0.15 3.49
C TRP A 99 12.65 1.18 4.18
N ASP A 100 13.80 1.81 3.96
CA ASP A 100 14.06 3.05 4.68
C ASP A 100 12.98 4.09 4.42
N SER A 101 12.48 4.14 3.19
CA SER A 101 11.44 5.08 2.80
C SER A 101 10.06 4.72 3.33
N ILE A 102 9.93 3.55 3.93
CA ILE A 102 8.69 3.06 4.49
C ILE A 102 8.71 3.20 6.01
N ASP A 103 9.81 2.78 6.63
CA ASP A 103 9.90 2.82 8.08
C ASP A 103 10.20 4.21 8.57
N ASN A 104 10.98 4.99 7.82
CA ASN A 104 11.28 6.33 8.30
C ASN A 104 9.99 7.13 8.36
N ILE A 105 9.12 6.90 7.39
CA ILE A 105 7.91 7.66 7.34
C ILE A 105 6.91 7.08 8.29
N CYS A 106 6.84 5.76 8.38
CA CYS A 106 5.84 5.21 9.27
C CYS A 106 6.06 5.73 10.68
N THR A 107 7.33 5.84 11.05
CA THR A 107 7.69 6.32 12.36
C THR A 107 7.17 7.73 12.55
N VAL A 108 7.47 8.60 11.59
CA VAL A 108 7.05 9.98 11.67
C VAL A 108 5.55 10.12 11.66
N ILE A 109 4.88 9.38 10.81
CA ILE A 109 3.45 9.47 10.68
C ILE A 109 2.81 9.18 12.00
N TRP A 110 3.23 8.11 12.65
CA TRP A 110 2.69 7.80 13.94
C TRP A 110 3.00 8.90 14.93
N ILE A 111 4.24 9.39 14.97
CA ILE A 111 4.57 10.40 15.96
C ILE A 111 3.72 11.63 15.79
N VAL A 112 3.61 12.10 14.58
CA VAL A 112 2.86 13.31 14.40
C VAL A 112 1.44 13.12 14.80
N LEU A 113 0.84 12.03 14.39
CA LEU A 113 -0.52 11.81 14.73
C LEU A 113 -0.73 11.71 16.22
N VAL A 114 0.15 11.03 16.94
CA VAL A 114 -0.10 10.93 18.36
C VAL A 114 -0.01 12.29 19.02
N ILE A 115 0.85 13.16 18.52
CA ILE A 115 0.92 14.48 19.08
C ILE A 115 -0.39 15.20 18.88
N ILE A 116 -0.93 15.09 17.68
CA ILE A 116 -2.18 15.75 17.38
C ILE A 116 -3.30 15.22 18.24
N LEU A 117 -3.41 13.90 18.33
CA LEU A 117 -4.45 13.31 19.10
C LEU A 117 -4.28 13.63 20.56
N SER A 118 -3.04 13.68 21.02
CA SER A 118 -2.79 14.01 22.40
C SER A 118 -3.34 15.38 22.66
N PHE A 119 -3.05 16.32 21.77
CA PHE A 119 -3.61 17.63 21.95
C PHE A 119 -5.11 17.57 22.03
N LYS A 120 -5.74 16.90 21.06
CA LYS A 120 -7.19 16.83 21.05
C LYS A 120 -7.69 16.30 22.39
N PHE A 121 -7.05 15.27 22.90
CA PHE A 121 -7.37 14.72 24.18
C PHE A 121 -7.26 15.75 25.26
N LEU A 122 -6.14 16.44 25.32
CA LEU A 122 -5.94 17.40 26.35
C LEU A 122 -6.97 18.47 26.28
N LYS A 123 -7.32 18.88 25.08
CA LYS A 123 -8.33 19.89 24.95
C LYS A 123 -9.59 19.39 25.66
N ALA A 124 -9.98 18.15 25.35
CA ALA A 124 -11.16 17.56 25.97
C ALA A 124 -10.97 17.46 27.48
N LEU A 125 -9.77 17.16 27.93
CA LEU A 125 -9.52 17.07 29.34
C LEU A 125 -9.70 18.39 30.02
N LEU A 126 -9.19 19.43 29.40
CA LEU A 126 -9.27 20.75 29.97
C LEU A 126 -10.72 21.13 30.11
N TYR A 127 -11.52 20.77 29.11
CA TYR A 127 -12.94 21.05 29.16
C TYR A 127 -13.48 20.39 30.41
N LEU A 128 -13.15 19.12 30.60
CA LEU A 128 -13.69 18.45 31.75
C LEU A 128 -13.23 19.13 33.03
N LYS A 129 -11.96 19.54 33.10
CA LYS A 129 -11.47 20.19 34.30
C LYS A 129 -12.20 21.48 34.56
N TYR A 130 -12.50 22.22 33.50
CA TYR A 130 -13.23 23.44 33.63
C TYR A 130 -14.53 23.15 34.29
N LEU A 131 -15.23 22.16 33.78
CA LEU A 131 -16.52 21.86 34.35
C LEU A 131 -16.37 21.41 35.77
N LYS A 132 -15.32 20.67 36.06
CA LYS A 132 -15.12 20.22 37.42
C LYS A 132 -15.02 21.44 38.31
N LYS A 133 -14.19 22.41 37.91
CA LYS A 133 -14.01 23.61 38.69
C LYS A 133 -15.31 24.38 38.86
N GLN A 134 -16.11 24.35 37.82
CA GLN A 134 -17.37 25.07 37.79
C GLN A 134 -18.55 24.26 38.30
N SER A 135 -18.32 23.05 38.77
CA SER A 135 -19.40 22.21 39.26
C SER A 135 -20.03 22.75 40.54
N LEU A 136 -21.35 22.63 40.66
CA LEU A 136 -22.02 23.10 41.85
C LEU A 136 -22.57 21.94 42.66
N TYR A 137 -22.64 22.14 43.96
CA TYR A 137 -23.19 21.14 44.86
C TYR A 137 -24.70 21.19 44.88
N LEU A 138 -25.29 20.06 45.23
CA LEU A 138 -26.73 19.96 45.33
C LEU A 138 -27.19 20.10 46.76
N ASN A 139 -28.37 20.67 46.97
CA ASN A 139 -28.88 20.77 48.33
C ASN A 139 -29.72 19.54 48.67
N GLU A 140 -30.26 19.48 49.85
CA GLU A 140 -31.00 18.30 50.26
C GLU A 140 -32.24 17.99 49.44
N ASN A 141 -32.78 19.00 48.75
CA ASN A 141 -34.01 18.83 47.99
C ASN A 141 -33.70 18.49 46.56
N GLU A 142 -32.42 18.30 46.30
CA GLU A 142 -31.91 17.93 45.01
C GLU A 142 -31.26 16.55 45.19
N LYS A 143 -30.46 16.42 46.25
CA LYS A 143 -29.78 15.19 46.57
C LYS A 143 -30.76 14.06 46.79
N ASN A 144 -31.90 14.38 47.40
CA ASN A 144 -32.88 13.37 47.70
C ASN A 144 -33.54 12.81 46.45
N LYS A 145 -33.43 13.49 45.31
CA LYS A 145 -34.03 12.97 44.12
C LYS A 145 -33.12 11.89 43.63
N ILE A 146 -31.83 12.16 43.74
CA ILE A 146 -30.86 11.19 43.25
C ILE A 146 -30.99 9.97 44.10
N ASP A 147 -31.07 10.20 45.41
CA ASP A 147 -31.21 9.11 46.33
C ASP A 147 -32.47 8.34 46.06
N THR A 148 -33.56 9.02 45.78
CA THR A 148 -34.78 8.30 45.50
C THR A 148 -34.56 7.35 44.34
N ILE A 149 -33.93 7.85 43.29
CA ILE A 149 -33.68 7.09 42.09
C ILE A 149 -32.77 5.88 42.30
N LEU A 150 -31.65 6.05 42.98
CA LEU A 150 -30.69 4.96 43.14
C LEU A 150 -30.86 4.08 44.39
N PHE A 151 -31.49 4.62 45.43
CA PHE A 151 -31.67 3.96 46.71
C PHE A 151 -32.23 2.57 46.67
N ASN A 152 -33.24 2.35 45.87
CA ASN A 152 -33.93 1.07 45.85
C ASN A 152 -33.05 -0.10 45.52
N HIS A 153 -31.91 0.16 44.86
CA HIS A 153 -31.03 -0.92 44.47
C HIS A 153 -29.75 -0.82 45.25
N GLN A 154 -29.78 0.02 46.28
CA GLN A 154 -28.66 0.23 47.15
C GLN A 154 -27.43 0.53 46.37
N TYR A 155 -27.53 1.40 45.38
CA TYR A 155 -26.36 1.66 44.61
C TYR A 155 -25.34 2.41 45.45
N LYS A 156 -24.07 2.17 45.14
CA LYS A 156 -22.95 2.74 45.84
C LYS A 156 -22.88 4.25 45.85
N LYS A 157 -22.28 4.77 46.91
CA LYS A 157 -22.09 6.21 47.06
C LYS A 157 -20.77 6.73 46.50
N ASN A 158 -19.96 5.89 45.87
CA ASN A 158 -18.72 6.42 45.28
C ASN A 158 -19.02 7.00 43.91
N ILE A 159 -19.86 8.00 43.92
CA ILE A 159 -20.37 8.72 42.78
C ILE A 159 -20.47 10.17 43.17
N VAL A 160 -20.42 11.07 42.21
CA VAL A 160 -20.60 12.45 42.57
C VAL A 160 -21.68 13.13 41.77
N ILE A 161 -22.59 13.80 42.44
CA ILE A 161 -23.60 14.49 41.69
C ILE A 161 -23.41 15.98 41.82
N ARG A 162 -23.36 16.63 40.69
CA ARG A 162 -23.19 18.07 40.63
C ARG A 162 -24.13 18.67 39.63
N LYS A 163 -24.33 19.97 39.73
CA LYS A 163 -25.18 20.65 38.77
C LYS A 163 -24.46 21.83 38.16
N ALA A 164 -24.93 22.32 37.02
CA ALA A 164 -24.29 23.51 36.46
C ALA A 164 -25.19 24.37 35.59
N GLU A 165 -24.77 25.63 35.52
CA GLU A 165 -25.39 26.67 34.70
C GLU A 165 -24.75 26.76 33.32
N THR A 166 -23.76 25.93 33.10
CA THR A 166 -22.97 25.98 31.88
C THR A 166 -23.30 24.87 30.89
N ILE A 167 -24.24 24.00 31.21
CA ILE A 167 -24.55 22.91 30.31
C ILE A 167 -26.04 22.83 30.01
N GLN A 168 -26.38 22.12 28.93
CA GLN A 168 -27.76 21.96 28.50
C GLN A 168 -28.33 20.56 28.75
N SER A 169 -27.45 19.58 28.85
CA SER A 169 -27.85 18.21 28.98
C SER A 169 -26.74 17.52 29.75
N PRO A 170 -27.00 16.38 30.40
CA PRO A 170 -26.10 15.68 31.28
C PRO A 170 -24.79 15.30 30.69
N ILE A 171 -23.75 15.39 31.50
CA ILE A 171 -22.40 15.04 31.11
C ILE A 171 -21.70 14.20 32.18
N THR A 172 -21.02 13.12 31.79
CA THR A 172 -20.27 12.41 32.83
C THR A 172 -18.79 12.78 32.87
N PHE A 173 -18.18 12.59 34.04
CA PHE A 173 -16.75 12.88 34.24
C PHE A 173 -16.11 11.80 35.08
N TRP A 174 -14.84 11.55 34.89
CA TRP A 174 -14.27 10.56 35.76
C TRP A 174 -13.59 11.07 37.03
N TYR A 175 -12.36 11.55 36.93
CA TYR A 175 -11.54 12.03 38.05
C TYR A 175 -11.43 11.10 39.26
N GLY A 176 -11.83 9.85 39.11
CA GLY A 176 -11.83 8.89 40.20
C GLY A 176 -13.06 9.11 41.06
N LYS A 177 -13.92 10.00 40.61
CA LYS A 177 -15.11 10.40 41.31
C LYS A 177 -16.39 9.91 40.67
N TYR A 178 -16.40 9.82 39.33
CA TYR A 178 -17.59 9.42 38.59
C TYR A 178 -18.66 10.45 38.81
N ILE A 179 -18.43 11.61 38.23
CA ILE A 179 -19.33 12.70 38.44
C ILE A 179 -20.35 12.77 37.35
N ILE A 180 -21.56 13.00 37.76
CA ILE A 180 -22.62 13.21 36.83
C ILE A 180 -23.04 14.66 36.94
N LEU A 181 -22.82 15.44 35.89
CA LEU A 181 -23.17 16.84 35.98
C LEU A 181 -24.45 17.04 35.23
N ILE A 182 -25.41 17.62 35.90
CA ILE A 182 -26.73 17.80 35.36
C ILE A 182 -27.07 19.28 35.22
N PRO A 183 -27.57 19.77 34.10
CA PRO A 183 -27.91 21.15 33.95
C PRO A 183 -28.86 21.49 35.06
N SER A 184 -28.65 22.64 35.66
CA SER A 184 -29.41 23.09 36.80
C SER A 184 -30.90 23.22 36.55
N SER A 185 -31.28 23.33 35.29
CA SER A 185 -32.67 23.46 34.93
C SER A 185 -33.45 22.18 35.17
N TYR A 186 -32.74 21.06 35.31
CA TYR A 186 -33.45 19.82 35.47
C TYR A 186 -33.78 19.63 36.91
N PHE A 187 -33.38 20.58 37.73
CA PHE A 187 -33.69 20.51 39.13
C PHE A 187 -34.89 21.40 39.38
N LYS A 188 -35.44 21.92 38.29
CA LYS A 188 -36.64 22.72 38.35
C LYS A 188 -37.68 21.85 37.67
N SER A 189 -37.29 21.28 36.52
CA SER A 189 -38.13 20.37 35.77
C SER A 189 -38.00 18.96 36.35
N VAL A 190 -38.53 18.81 37.55
CA VAL A 190 -38.42 17.57 38.33
C VAL A 190 -39.74 16.84 38.52
N ILE A 191 -40.71 17.14 37.68
CA ILE A 191 -42.04 16.54 37.75
C ILE A 191 -42.46 15.81 36.48
N ASP A 192 -41.49 15.33 35.69
CA ASP A 192 -41.73 14.62 34.45
C ASP A 192 -40.92 13.33 34.32
N LYS A 193 -40.30 12.93 35.42
CA LYS A 193 -39.43 11.76 35.50
C LYS A 193 -38.22 11.82 34.59
N ARG A 194 -37.86 12.99 34.06
CA ARG A 194 -36.72 12.97 33.18
C ARG A 194 -35.50 12.57 33.94
N LEU A 195 -35.41 12.98 35.20
CA LEU A 195 -34.28 12.63 35.99
C LEU A 195 -34.24 11.15 36.22
N LYS A 196 -35.39 10.50 36.32
CA LYS A 196 -35.35 9.09 36.59
C LYS A 196 -34.54 8.42 35.53
N TYR A 197 -34.83 8.79 34.31
CA TYR A 197 -34.15 8.17 33.22
C TYR A 197 -32.73 8.65 33.10
N ILE A 198 -32.50 9.91 33.30
CA ILE A 198 -31.18 10.44 33.14
C ILE A 198 -30.22 9.86 34.11
N ILE A 199 -30.63 9.82 35.35
CA ILE A 199 -29.73 9.34 36.35
C ILE A 199 -29.51 7.90 36.16
N LEU A 200 -30.54 7.11 35.95
CA LEU A 200 -30.27 5.69 35.83
C LEU A 200 -29.37 5.44 34.66
N HIS A 201 -29.58 6.15 33.59
CA HIS A 201 -28.79 5.97 32.41
C HIS A 201 -27.35 6.32 32.63
N GLU A 202 -27.11 7.56 33.08
CA GLU A 202 -25.72 8.01 33.35
C GLU A 202 -25.16 7.19 34.51
N TYR A 203 -26.01 6.86 35.48
CA TYR A 203 -25.55 6.07 36.59
C TYR A 203 -25.01 4.79 36.07
N ALA A 204 -25.74 4.12 35.20
CA ALA A 204 -25.27 2.85 34.71
C ALA A 204 -23.89 2.99 34.11
N HIS A 205 -23.67 4.07 33.39
CA HIS A 205 -22.36 4.26 32.84
C HIS A 205 -21.38 4.34 33.99
N ALA A 206 -21.74 5.06 35.04
CA ALA A 206 -20.85 5.12 36.18
C ALA A 206 -20.65 3.76 36.83
N LYS A 207 -21.70 2.98 36.95
CA LYS A 207 -21.65 1.70 37.63
C LYS A 207 -20.64 0.81 37.00
N ASN A 208 -20.62 0.84 35.69
CA ASN A 208 -19.73 0.00 34.93
C ASN A 208 -18.42 0.67 34.63
N ARG A 209 -18.20 1.84 35.21
CA ARG A 209 -17.01 2.60 35.01
C ARG A 209 -16.79 2.87 33.54
N ASP A 210 -17.86 3.10 32.79
CA ASP A 210 -17.73 3.30 31.39
C ASP A 210 -16.91 4.49 31.06
N THR A 211 -17.04 5.56 31.85
CA THR A 211 -16.31 6.76 31.52
C THR A 211 -14.85 6.44 31.63
N LEU A 212 -14.47 5.78 32.69
CA LEU A 212 -13.08 5.46 32.84
C LEU A 212 -12.59 4.59 31.74
N HIS A 213 -13.33 3.56 31.42
CA HIS A 213 -12.85 2.66 30.43
C HIS A 213 -12.75 3.39 29.13
N LEU A 214 -13.72 4.24 28.85
CA LEU A 214 -13.72 5.01 27.64
C LEU A 214 -12.45 5.76 27.59
N ILE A 215 -12.10 6.44 28.68
CA ILE A 215 -10.89 7.22 28.71
C ILE A 215 -9.72 6.35 28.46
N ILE A 216 -9.66 5.20 29.09
CA ILE A 216 -8.52 4.35 28.86
C ILE A 216 -8.41 4.01 27.40
N PHE A 217 -9.51 3.61 26.78
CA PHE A 217 -9.44 3.28 25.38
C PHE A 217 -9.03 4.50 24.60
N ASN A 218 -9.58 5.66 24.97
CA ASN A 218 -9.28 6.89 24.31
C ASN A 218 -7.79 7.14 24.38
N ILE A 219 -7.18 6.89 25.53
CA ILE A 219 -5.76 7.07 25.64
C ILE A 219 -5.07 6.11 24.73
N PHE A 220 -5.53 4.88 24.72
CA PHE A 220 -4.92 3.95 23.83
C PHE A 220 -5.13 4.27 22.40
N SER A 221 -6.19 4.97 22.04
CA SER A 221 -6.39 5.29 20.64
C SER A 221 -5.28 6.24 20.18
N ILE A 222 -4.60 6.86 21.13
CA ILE A 222 -3.52 7.75 20.81
C ILE A 222 -2.33 6.83 20.69
N ILE A 223 -2.14 6.01 21.68
CA ILE A 223 -0.96 5.18 21.71
C ILE A 223 -0.87 4.33 20.46
N MET A 224 -2.00 3.78 20.08
CA MET A 224 -2.14 2.89 18.97
C MET A 224 -2.79 3.53 17.76
N SER A 225 -2.63 4.84 17.61
CA SER A 225 -3.22 5.64 16.55
C SER A 225 -2.90 5.20 15.14
N TYR A 226 -1.86 4.42 14.99
CA TYR A 226 -1.44 3.91 13.70
C TYR A 226 -2.47 2.97 13.12
N ASN A 227 -3.32 2.43 13.98
CA ASN A 227 -4.35 1.50 13.61
C ASN A 227 -5.69 2.17 13.66
N PRO A 228 -6.32 2.55 12.56
CA PRO A 228 -7.58 3.24 12.54
C PRO A 228 -8.69 2.47 13.26
N LEU A 229 -8.52 1.16 13.42
CA LEU A 229 -9.54 0.39 14.07
C LEU A 229 -9.69 0.76 15.53
N VAL A 230 -8.74 1.49 16.08
CA VAL A 230 -8.89 1.88 17.45
C VAL A 230 -10.06 2.84 17.55
N HIS A 231 -10.30 3.60 16.49
CA HIS A 231 -11.39 4.53 16.52
C HIS A 231 -12.64 3.75 16.23
N ILE A 232 -12.50 2.75 15.40
CA ILE A 232 -13.69 2.02 15.11
C ILE A 232 -14.16 1.35 16.35
N VAL A 233 -13.25 0.74 17.09
CA VAL A 233 -13.72 0.06 18.25
C VAL A 233 -14.16 1.06 19.29
N LYS A 234 -13.50 2.22 19.48
CA LYS A 234 -14.02 3.06 20.55
C LYS A 234 -15.46 3.41 20.21
N ARG A 235 -15.75 3.58 18.93
CA ARG A 235 -17.09 3.93 18.59
C ARG A 235 -18.02 2.78 18.90
N LYS A 236 -17.63 1.56 18.53
CA LYS A 236 -18.50 0.43 18.76
C LYS A 236 -18.72 0.25 20.23
N ILE A 237 -17.70 0.50 21.00
CA ILE A 237 -17.80 0.35 22.42
C ILE A 237 -18.79 1.31 22.93
N ILE A 238 -18.69 2.55 22.52
CA ILE A 238 -19.58 3.56 22.97
C ILE A 238 -20.99 3.23 22.60
N HIS A 239 -21.20 2.77 21.39
CA HIS A 239 -22.54 2.42 20.99
C HIS A 239 -23.07 1.36 21.92
N ASP A 240 -22.26 0.35 22.16
CA ASP A 240 -22.71 -0.72 23.00
C ASP A 240 -22.80 -0.31 24.43
N ASN A 241 -21.98 0.63 24.88
CA ASN A 241 -22.08 1.04 26.25
C ASN A 241 -23.44 1.66 26.45
N GLU A 242 -23.87 2.45 25.48
CA GLU A 242 -25.17 3.06 25.60
C GLU A 242 -26.22 1.96 25.60
N VAL A 243 -26.01 0.90 24.82
CA VAL A 243 -26.95 -0.21 24.83
C VAL A 243 -27.00 -0.88 26.17
N GLU A 244 -25.87 -1.15 26.77
CA GLU A 244 -25.91 -1.81 28.04
C GLU A 244 -26.60 -0.93 29.04
N ALA A 245 -26.37 0.38 28.95
CA ALA A 245 -27.06 1.25 29.86
C ALA A 245 -28.54 1.13 29.63
N ASP A 246 -28.97 1.06 28.38
CA ASP A 246 -30.39 0.93 28.16
C ASP A 246 -30.91 -0.36 28.78
N ARG A 247 -30.14 -1.45 28.66
CA ARG A 247 -30.57 -2.71 29.23
C ARG A 247 -30.75 -2.54 30.72
N PHE A 248 -29.79 -1.90 31.34
CA PHE A 248 -29.85 -1.61 32.75
C PHE A 248 -31.08 -0.85 33.05
N VAL A 249 -31.32 0.20 32.31
CA VAL A 249 -32.46 1.00 32.65
C VAL A 249 -33.68 0.17 32.58
N LEU A 250 -33.85 -0.63 31.53
CA LEU A 250 -35.05 -1.43 31.46
C LEU A 250 -35.12 -2.34 32.68
N ASN A 251 -33.99 -2.89 33.09
CA ASN A 251 -33.98 -3.74 34.26
C ASN A 251 -34.41 -2.98 35.50
N ASN A 252 -34.18 -1.69 35.51
CA ASN A 252 -34.51 -0.83 36.63
C ASN A 252 -35.83 -0.05 36.48
N ILE A 253 -36.65 -0.32 35.46
CA ILE A 253 -37.92 0.42 35.34
C ILE A 253 -39.11 -0.53 35.10
N ASN A 254 -40.32 -0.02 35.30
CA ASN A 254 -41.52 -0.80 35.04
C ASN A 254 -41.71 -1.04 33.56
N LYS A 255 -42.23 -2.20 33.21
CA LYS A 255 -42.49 -2.47 31.81
C LYS A 255 -43.38 -1.44 31.13
N ASN A 256 -44.27 -0.79 31.87
CA ASN A 256 -45.15 0.16 31.21
C ASN A 256 -44.51 1.52 31.04
N GLU A 257 -43.24 1.63 31.41
CA GLU A 257 -42.46 2.82 31.26
C GLU A 257 -41.44 2.64 30.15
N PHE A 258 -41.39 1.45 29.54
CA PHE A 258 -40.37 1.23 28.53
C PHE A 258 -40.57 2.18 27.36
N LYS A 259 -41.82 2.37 26.97
CA LYS A 259 -42.15 3.25 25.87
C LYS A 259 -41.71 4.66 26.20
N THR A 260 -42.03 5.07 27.42
CA THR A 260 -41.71 6.39 27.89
C THR A 260 -40.24 6.62 27.80
N TYR A 261 -39.46 5.63 28.23
CA TYR A 261 -38.03 5.75 28.16
C TYR A 261 -37.58 5.99 26.74
N ALA A 262 -38.05 5.19 25.81
CA ALA A 262 -37.62 5.42 24.45
C ALA A 262 -37.97 6.82 23.99
N GLU A 263 -39.16 7.30 24.36
CA GLU A 263 -39.55 8.64 23.97
C GLU A 263 -38.63 9.65 24.60
N SER A 264 -38.26 9.42 25.84
CA SER A 264 -37.36 10.27 26.60
C SER A 264 -36.03 10.32 25.90
N ILE A 265 -35.54 9.18 25.42
CA ILE A 265 -34.29 9.19 24.73
C ILE A 265 -34.40 10.10 23.56
N MET A 266 -35.48 9.97 22.81
CA MET A 266 -35.59 10.86 21.69
C MET A 266 -35.70 12.33 22.12
N ASP A 267 -36.44 12.64 23.16
CA ASP A 267 -36.57 14.02 23.58
C ASP A 267 -35.22 14.63 23.96
N SER A 268 -34.35 13.80 24.56
CA SER A 268 -33.04 14.21 25.05
C SER A 268 -32.11 14.67 23.94
N VAL A 269 -32.45 14.33 22.71
CA VAL A 269 -31.67 14.73 21.56
C VAL A 269 -32.48 15.74 20.75
N LEU A 270 -33.75 15.46 20.51
CA LEU A 270 -34.56 16.35 19.70
C LEU A 270 -34.61 17.77 20.20
N ASN A 271 -34.74 17.94 21.49
CA ASN A 271 -34.95 19.23 22.05
C ASN A 271 -33.67 19.96 22.42
N VAL A 272 -32.54 19.46 21.99
CA VAL A 272 -31.31 20.12 22.33
C VAL A 272 -30.43 20.39 21.12
N PRO A 273 -29.47 21.31 21.23
CA PRO A 273 -28.41 21.50 20.29
C PRO A 273 -27.55 20.27 20.36
N PHE A 274 -26.97 19.86 19.26
CA PHE A 274 -26.16 18.67 19.25
C PHE A 274 -24.73 18.88 18.92
N PHE A 275 -23.87 18.83 19.90
CA PHE A 275 -22.48 19.06 19.62
C PHE A 275 -21.58 18.11 20.38
N ASN A 276 -20.52 17.67 19.72
CA ASN A 276 -19.52 16.81 20.34
C ASN A 276 -18.55 17.66 21.10
N LYS A 277 -19.07 18.29 22.14
CA LYS A 277 -18.35 19.24 22.98
C LYS A 277 -17.15 18.59 23.66
N ASN A 278 -17.23 17.29 23.82
CA ASN A 278 -16.21 16.51 24.46
C ASN A 278 -16.25 15.12 23.85
N ILE A 279 -15.09 14.47 23.83
CA ILE A 279 -15.02 13.12 23.28
C ILE A 279 -14.73 12.09 24.34
N LEU A 280 -14.78 12.51 25.58
CA LEU A 280 -14.49 11.62 26.66
C LEU A 280 -15.74 11.33 27.44
N SER A 281 -16.52 12.35 27.65
CA SER A 281 -17.72 12.19 28.42
C SER A 281 -18.89 11.62 27.66
N HIS A 282 -19.84 11.04 28.38
CA HIS A 282 -21.08 10.63 27.76
C HIS A 282 -22.06 11.76 27.84
N SER A 283 -22.96 11.80 26.86
CA SER A 283 -24.03 12.77 26.78
C SER A 283 -25.12 12.23 25.87
N ALA A 284 -26.30 12.88 25.84
CA ALA A 284 -27.40 12.47 24.95
C ALA A 284 -27.04 12.55 23.47
N ASN A 285 -26.32 13.58 23.11
CA ASN A 285 -25.98 13.82 21.72
C ASN A 285 -24.72 13.05 21.36
N GLY A 286 -24.86 11.74 21.33
CA GLY A 286 -23.72 10.85 21.21
C GLY A 286 -23.07 10.63 19.84
N LYS A 287 -23.64 11.16 18.75
CA LYS A 287 -23.00 10.89 17.46
C LYS A 287 -23.39 11.87 16.37
N LYS A 288 -22.52 11.97 15.36
CA LYS A 288 -22.82 12.80 14.20
C LYS A 288 -23.83 12.16 13.26
N SER A 289 -25.07 12.08 13.71
CA SER A 289 -26.14 11.43 12.97
C SER A 289 -26.72 12.30 11.89
N LEU A 290 -27.49 11.70 11.00
CA LEU A 290 -28.15 12.50 10.00
C LEU A 290 -29.19 13.37 10.62
N LEU A 291 -29.90 12.83 11.61
CA LEU A 291 -30.93 13.60 12.25
C LEU A 291 -30.29 14.79 12.88
N LYS A 292 -29.13 14.63 13.49
CA LYS A 292 -28.46 15.75 14.07
C LYS A 292 -28.42 16.90 13.10
N ARG A 293 -27.90 16.62 11.91
CA ARG A 293 -27.72 17.66 10.94
C ARG A 293 -29.06 18.25 10.53
N ARG A 294 -30.01 17.40 10.26
CA ARG A 294 -31.29 17.87 9.78
C ARG A 294 -32.01 18.71 10.79
N LEU A 295 -31.98 18.29 12.02
CA LEU A 295 -32.72 18.98 13.02
C LEU A 295 -32.12 20.32 13.32
N ILE A 296 -30.81 20.41 13.28
CA ILE A 296 -30.21 21.70 13.48
C ILE A 296 -30.62 22.62 12.37
N ASN A 297 -30.57 22.15 11.14
CA ASN A 297 -30.92 23.00 10.04
C ASN A 297 -32.32 23.55 10.22
N ILE A 298 -33.23 22.73 10.75
CA ILE A 298 -34.56 23.24 10.97
C ILE A 298 -34.54 24.28 12.06
N LYS A 299 -33.85 24.02 13.16
CA LYS A 299 -33.82 25.03 14.22
C LYS A 299 -33.31 26.35 13.65
N GLU A 300 -32.29 26.27 12.81
CA GLU A 300 -31.74 27.45 12.17
C GLU A 300 -32.53 27.69 10.89
N ALA A 301 -33.81 27.99 11.06
CA ALA A 301 -34.75 28.13 9.97
C ALA A 301 -34.60 29.45 9.26
N ASN A 302 -33.47 29.63 8.61
CA ASN A 302 -33.21 30.84 7.85
C ASN A 302 -33.57 30.57 6.40
N LEU A 303 -34.79 30.94 6.01
CA LEU A 303 -35.30 30.61 4.68
C LEU A 303 -34.84 31.60 3.62
N LYS A 304 -33.54 31.64 3.43
CA LYS A 304 -32.93 32.53 2.48
C LYS A 304 -32.60 31.81 1.19
N LYS A 305 -33.03 32.35 0.07
CA LYS A 305 -32.67 31.75 -1.18
C LYS A 305 -31.28 32.23 -1.53
N GLN A 306 -30.35 31.31 -1.70
CA GLN A 306 -29.01 31.71 -2.02
C GLN A 306 -28.99 32.15 -3.46
N SER A 307 -28.10 33.05 -3.81
CA SER A 307 -28.00 33.44 -5.21
C SER A 307 -27.62 32.29 -6.09
N LYS A 308 -28.21 32.26 -7.27
CA LYS A 308 -27.88 31.24 -8.27
C LYS A 308 -26.42 31.33 -8.68
N LEU A 309 -25.85 32.50 -8.51
CA LEU A 309 -24.50 32.78 -8.94
C LEU A 309 -23.50 32.09 -8.06
N ILE A 310 -23.93 31.69 -6.88
CA ILE A 310 -23.03 31.07 -5.95
C ILE A 310 -22.55 29.78 -6.54
N LEU A 311 -23.49 29.03 -7.04
CA LEU A 311 -23.16 27.74 -7.56
C LEU A 311 -22.79 27.82 -8.98
N ILE A 312 -23.22 28.86 -9.67
CA ILE A 312 -22.72 28.93 -11.01
C ILE A 312 -21.22 29.04 -10.89
N PHE A 313 -20.76 29.94 -10.01
CA PHE A 313 -19.34 30.04 -9.81
C PHE A 313 -18.75 28.75 -9.34
N ILE A 314 -19.27 28.18 -8.27
CA ILE A 314 -18.59 27.02 -7.78
C ILE A 314 -18.58 25.91 -8.78
N CYS A 315 -19.68 25.68 -9.45
CA CYS A 315 -19.75 24.61 -10.38
C CYS A 315 -18.80 24.82 -11.53
N ILE A 316 -18.70 26.04 -12.07
CA ILE A 316 -17.79 26.21 -13.18
C ILE A 316 -16.38 26.18 -12.69
N PHE A 317 -16.14 26.75 -11.54
CA PHE A 317 -14.83 26.77 -11.00
C PHE A 317 -14.38 25.35 -10.81
N THR A 318 -15.21 24.57 -10.15
CA THR A 318 -14.91 23.20 -9.88
C THR A 318 -14.68 22.49 -11.18
N PHE A 319 -15.53 22.74 -12.16
CA PHE A 319 -15.36 22.16 -13.46
C PHE A 319 -13.98 22.47 -13.97
N LEU A 320 -13.59 23.72 -13.95
CA LEU A 320 -12.29 24.11 -14.42
C LEU A 320 -11.21 23.43 -13.62
N LEU A 321 -11.43 23.20 -12.35
CA LEU A 321 -10.46 22.49 -11.56
C LEU A 321 -10.41 21.04 -12.02
N MET A 322 -11.54 20.50 -12.47
CA MET A 322 -11.57 19.18 -13.04
C MET A 322 -10.77 19.22 -14.31
N VAL A 323 -10.92 20.31 -15.06
CA VAL A 323 -10.16 20.46 -16.27
C VAL A 323 -8.71 20.43 -15.89
N ILE A 324 -8.36 21.11 -14.81
CA ILE A 324 -6.99 21.08 -14.39
C ILE A 324 -6.58 19.64 -14.18
N GLN A 325 -7.40 18.83 -13.53
CA GLN A 325 -7.02 17.43 -13.46
C GLN A 325 -6.90 16.81 -14.87
N SER A 326 -7.69 17.27 -15.83
CA SER A 326 -7.63 16.74 -17.19
C SER A 326 -6.40 17.24 -17.92
N GLN A 327 -5.70 18.20 -17.36
CA GLN A 327 -4.51 18.72 -17.97
C GLN A 327 -3.32 17.83 -17.65
N PHE A 328 -3.54 16.89 -16.74
CA PHE A 328 -2.53 16.04 -16.17
C PHE A 328 -2.47 14.66 -16.75
N LEU A 329 -1.49 13.91 -16.29
CA LEU A 329 -1.29 12.55 -16.74
C LEU A 329 -2.54 11.71 -16.56
N MET A 330 -2.86 11.01 -17.63
CA MET A 330 -3.97 10.10 -17.74
C MET A 330 -3.41 8.97 -18.58
N GLY A 331 -4.06 7.81 -18.64
CA GLY A 331 -3.49 6.80 -19.51
C GLY A 331 -4.28 6.78 -20.79
N GLN A 332 -3.84 5.96 -21.72
CA GLN A 332 -4.57 5.83 -22.95
C GLN A 332 -4.49 4.39 -23.37
N SER A 333 -5.61 3.76 -23.72
CA SER A 333 -5.55 2.37 -24.17
C SER A 333 -4.69 2.26 -25.41
N ILE A 334 -4.70 3.33 -26.19
CA ILE A 334 -3.97 3.48 -27.42
C ILE A 334 -2.47 3.43 -27.17
N THR A 335 -2.02 4.02 -26.05
CA THR A 335 -0.62 4.02 -25.68
C THR A 335 -0.22 2.62 -25.26
N ASP A 336 -1.11 1.99 -24.47
CA ASP A 336 -0.88 0.63 -24.01
C ASP A 336 -0.83 -0.35 -25.20
N TYR A 337 -1.62 -0.04 -26.24
CA TYR A 337 -1.74 -0.83 -27.46
C TYR A 337 -0.50 -0.83 -28.35
N ASN A 338 -0.51 -1.85 -29.18
CA ASN A 338 0.47 -2.19 -30.18
C ASN A 338 0.22 -1.38 -31.46
N TYR A 339 1.04 -1.57 -32.51
CA TYR A 339 0.81 -0.77 -33.69
C TYR A 339 -0.58 -1.15 -34.19
N LYS A 340 -1.56 -0.25 -33.97
CA LYS A 340 -2.96 -0.47 -34.36
C LYS A 340 -3.18 0.06 -35.76
N LYS A 341 -2.16 0.70 -36.23
CA LYS A 341 -2.09 1.40 -37.47
C LYS A 341 -1.94 0.39 -38.60
N PRO A 342 -2.39 0.70 -39.81
CA PRO A 342 -2.18 -0.09 -40.99
C PRO A 342 -0.77 0.12 -41.48
N LEU A 343 -0.30 -0.80 -42.30
CA LEU A 343 0.94 -0.58 -43.00
C LEU A 343 0.61 0.08 -44.33
N HIS A 344 1.22 1.23 -44.59
CA HIS A 344 0.97 1.99 -45.81
C HIS A 344 1.63 1.43 -47.04
N ASN A 345 2.53 0.48 -46.83
CA ASN A 345 3.26 -0.17 -47.88
C ASN A 345 2.62 -1.50 -48.25
N ASP A 346 2.87 -1.93 -49.47
CA ASP A 346 2.44 -3.25 -49.91
C ASP A 346 3.17 -4.31 -49.12
N TYR A 347 2.51 -5.44 -48.83
CA TYR A 347 3.22 -6.48 -48.12
C TYR A 347 2.64 -7.87 -48.31
N GLN A 348 3.45 -8.84 -47.95
CA GLN A 348 3.14 -10.25 -47.94
C GLN A 348 3.27 -10.83 -46.55
N ILE A 349 2.36 -11.72 -46.19
CA ILE A 349 2.42 -12.38 -44.90
C ILE A 349 3.14 -13.74 -45.06
N LEU A 350 4.07 -13.99 -44.15
CA LEU A 350 4.95 -15.15 -44.10
C LEU A 350 4.54 -16.21 -43.07
N ASP A 351 5.06 -17.43 -43.25
CA ASP A 351 4.91 -18.51 -42.27
C ASP A 351 6.26 -19.14 -42.05
N LYS A 352 6.85 -18.78 -40.93
CA LYS A 352 8.20 -19.15 -40.55
C LYS A 352 8.16 -19.81 -39.18
N SER A 353 7.00 -20.37 -38.85
CA SER A 353 6.81 -20.97 -37.53
C SER A 353 7.76 -22.13 -37.24
N LYS A 354 8.23 -22.82 -38.28
CA LYS A 354 9.19 -23.91 -38.12
C LYS A 354 10.52 -23.44 -37.58
N ILE A 355 10.95 -22.26 -38.02
CA ILE A 355 12.25 -21.74 -37.63
C ILE A 355 12.13 -21.20 -36.23
N PHE A 356 11.06 -20.45 -35.96
CA PHE A 356 10.90 -19.94 -34.60
C PHE A 356 10.91 -21.12 -33.67
N GLY A 357 10.13 -22.14 -34.03
CA GLY A 357 10.23 -23.38 -33.31
C GLY A 357 9.99 -23.16 -31.85
N SER A 358 11.00 -23.55 -31.08
CA SER A 358 11.04 -23.49 -29.64
C SER A 358 10.97 -22.09 -29.06
N ASN A 359 11.21 -21.06 -29.86
CA ASN A 359 11.16 -19.70 -29.34
C ASN A 359 10.18 -18.87 -30.14
N SER A 360 8.90 -19.05 -29.88
CA SER A 360 7.86 -18.34 -30.65
C SER A 360 8.02 -16.83 -30.57
N GLY A 361 7.67 -16.17 -31.68
CA GLY A 361 7.79 -14.73 -31.80
C GLY A 361 7.18 -14.19 -33.09
N SER A 362 7.84 -13.18 -33.64
CA SER A 362 7.45 -12.49 -34.87
C SER A 362 8.65 -11.98 -35.67
N PHE A 363 8.42 -11.70 -36.96
CA PHE A 363 9.51 -11.20 -37.82
C PHE A 363 9.16 -10.37 -39.05
N VAL A 364 9.88 -9.26 -39.21
CA VAL A 364 9.66 -8.39 -40.35
C VAL A 364 10.87 -8.19 -41.24
N MET A 365 10.67 -8.35 -42.55
CA MET A 365 11.73 -8.07 -43.53
C MET A 365 11.20 -7.07 -44.56
N TYR A 366 12.08 -6.24 -45.09
CA TYR A 366 11.70 -5.29 -46.13
C TYR A 366 12.67 -5.15 -47.29
N SER A 367 12.10 -5.12 -48.51
CA SER A 367 12.84 -4.89 -49.76
C SER A 367 12.82 -3.46 -50.23
N MET A 368 13.99 -2.84 -50.25
CA MET A 368 14.14 -1.45 -50.63
C MET A 368 13.76 -1.23 -52.09
N LYS A 369 14.15 -2.15 -52.97
CA LYS A 369 13.84 -2.02 -54.38
C LYS A 369 12.36 -2.13 -54.65
N LYS A 370 11.70 -3.08 -54.00
CA LYS A 370 10.28 -3.28 -54.26
C LYS A 370 9.36 -2.48 -53.36
N ASP A 371 9.87 -1.89 -52.29
CA ASP A 371 9.05 -1.16 -51.32
C ASP A 371 7.98 -2.11 -50.81
N LYS A 372 8.44 -3.30 -50.47
CA LYS A 372 7.57 -4.36 -50.00
C LYS A 372 8.01 -4.96 -48.68
N TYR A 373 7.04 -5.23 -47.83
CA TYR A 373 7.31 -5.87 -46.56
C TYR A 373 6.89 -7.32 -46.59
N TYR A 374 7.61 -8.12 -45.82
CA TYR A 374 7.39 -9.53 -45.67
C TYR A 374 7.23 -9.80 -44.19
N ILE A 375 6.03 -10.16 -43.75
CA ILE A 375 5.80 -10.25 -42.32
C ILE A 375 5.28 -11.58 -41.75
N TYR A 376 6.02 -12.15 -40.82
CA TYR A 376 5.65 -13.36 -40.11
C TYR A 376 4.86 -13.02 -38.86
N ASN A 377 3.65 -13.59 -38.74
CA ASN A 377 2.77 -13.30 -37.61
C ASN A 377 2.56 -11.81 -37.47
N GLU A 378 1.96 -11.17 -38.47
CA GLU A 378 1.84 -9.72 -38.42
C GLU A 378 1.23 -9.20 -37.13
N LYS A 379 0.23 -9.88 -36.59
CA LYS A 379 -0.35 -9.39 -35.36
C LYS A 379 0.73 -9.25 -34.27
N GLU A 380 1.68 -10.20 -34.24
CA GLU A 380 2.74 -10.21 -33.26
C GLU A 380 3.85 -9.23 -33.69
N SER A 381 4.05 -9.07 -35.00
CA SER A 381 5.09 -8.18 -35.55
C SER A 381 4.84 -6.76 -35.15
N ARG A 382 3.55 -6.43 -35.08
CA ARG A 382 3.08 -5.13 -34.70
C ARG A 382 3.14 -4.88 -33.19
N LYS A 383 3.49 -5.90 -32.39
CA LYS A 383 3.54 -5.69 -30.96
C LYS A 383 4.76 -4.91 -30.59
N ARG A 384 4.59 -3.97 -29.68
CA ARG A 384 5.69 -3.13 -29.28
C ARG A 384 6.41 -3.63 -28.05
N TYR A 385 7.74 -3.63 -28.14
CA TYR A 385 8.55 -4.06 -27.01
C TYR A 385 9.63 -3.05 -26.74
N SER A 386 10.14 -3.00 -25.52
CA SER A 386 11.23 -2.11 -25.25
C SER A 386 12.41 -2.64 -26.10
N PRO A 387 13.19 -1.81 -26.85
CA PRO A 387 14.35 -2.15 -27.72
C PRO A 387 15.57 -2.81 -27.09
N ASN A 388 15.73 -2.63 -25.79
CA ASN A 388 16.85 -3.14 -25.05
C ASN A 388 18.11 -2.55 -25.68
N SER A 389 19.19 -3.30 -25.73
CA SER A 389 20.47 -2.82 -26.19
C SER A 389 20.49 -2.49 -27.66
N THR A 390 19.48 -2.90 -28.42
CA THR A 390 19.59 -2.60 -29.83
C THR A 390 19.42 -1.10 -30.05
N TYR A 391 18.80 -0.38 -29.10
CA TYR A 391 18.61 1.05 -29.26
C TYR A 391 19.92 1.78 -29.31
N LYS A 392 20.94 1.18 -28.75
CA LYS A 392 22.23 1.79 -28.64
C LYS A 392 22.75 2.25 -29.99
N ILE A 393 22.26 1.66 -31.07
CA ILE A 393 22.76 2.09 -32.35
C ILE A 393 22.27 3.49 -32.62
N TYR A 394 21.08 3.81 -32.11
CA TYR A 394 20.47 5.11 -32.29
C TYR A 394 21.13 6.05 -31.36
N LEU A 395 21.38 5.58 -30.17
CA LEU A 395 21.99 6.47 -29.23
C LEU A 395 23.37 6.89 -29.73
N ALA A 396 24.17 5.92 -30.14
CA ALA A 396 25.50 6.21 -30.63
C ALA A 396 25.48 7.06 -31.87
N MET A 397 24.62 6.73 -32.85
CA MET A 397 24.65 7.49 -34.09
C MET A 397 24.16 8.92 -33.86
N PHE A 398 23.31 9.14 -32.85
CA PHE A 398 22.84 10.47 -32.53
C PHE A 398 24.02 11.28 -32.01
N GLY A 399 24.82 10.65 -31.15
CA GLY A 399 26.00 11.31 -30.64
C GLY A 399 26.92 11.67 -31.78
N LEU A 400 26.98 10.80 -32.81
CA LEU A 400 27.85 11.10 -33.93
C LEU A 400 27.36 12.33 -34.71
N ASP A 401 26.07 12.40 -35.00
CA ASP A 401 25.54 13.52 -35.78
C ASP A 401 25.59 14.85 -35.06
N ARG A 402 25.35 14.82 -33.77
CA ARG A 402 25.32 16.00 -32.94
C ARG A 402 26.73 16.49 -32.59
N HIS A 403 27.77 15.76 -33.02
CA HIS A 403 29.16 16.06 -32.74
C HIS A 403 29.51 15.97 -31.27
N ILE A 404 28.99 14.92 -30.64
CA ILE A 404 29.25 14.59 -29.26
C ILE A 404 30.30 13.49 -29.25
N ILE A 405 30.07 12.50 -30.11
CA ILE A 405 30.88 11.30 -30.28
C ILE A 405 31.40 11.36 -31.70
N ASN A 406 32.62 10.99 -31.99
CA ASN A 406 32.98 11.04 -33.41
C ASN A 406 33.85 9.86 -33.77
N ASP A 407 34.59 9.89 -34.87
CA ASP A 407 35.40 8.75 -35.22
C ASP A 407 36.72 8.78 -34.45
N GLU A 408 37.40 9.92 -34.56
CA GLU A 408 38.69 10.12 -33.90
C GLU A 408 38.50 9.97 -32.40
N ASN A 409 37.33 10.39 -31.94
CA ASN A 409 36.93 10.36 -30.56
C ASN A 409 35.65 9.54 -30.41
N SER A 410 35.64 8.33 -30.96
CA SER A 410 34.49 7.43 -30.80
C SER A 410 34.53 6.80 -29.42
N ARG A 411 35.64 6.97 -28.73
CA ARG A 411 35.94 6.41 -27.44
C ARG A 411 35.34 7.11 -26.25
N MET A 412 35.17 6.33 -25.18
CA MET A 412 34.72 6.85 -23.91
C MET A 412 35.60 6.30 -22.77
N SER A 413 35.94 7.19 -21.83
CA SER A 413 36.71 6.86 -20.63
C SER A 413 35.94 5.93 -19.69
N TRP A 414 36.66 5.01 -19.06
CA TRP A 414 36.09 4.12 -18.05
C TRP A 414 36.19 4.81 -16.68
N ASN A 415 35.15 4.68 -15.86
CA ASN A 415 35.13 5.29 -14.53
C ASN A 415 35.67 4.39 -13.43
N HIS A 416 36.25 3.29 -13.86
CA HIS A 416 36.87 2.28 -13.04
C HIS A 416 35.88 1.52 -12.13
N LYS A 417 34.60 1.70 -12.39
CA LYS A 417 33.56 0.97 -11.70
C LYS A 417 33.37 -0.33 -12.43
N HIS A 418 33.22 -1.43 -11.72
CA HIS A 418 32.97 -2.65 -12.45
C HIS A 418 31.52 -2.71 -12.90
N TYR A 419 31.33 -3.30 -14.06
CA TYR A 419 30.07 -3.49 -14.73
C TYR A 419 29.74 -5.00 -14.85
N PRO A 420 28.44 -5.35 -15.12
CA PRO A 420 27.88 -6.71 -15.25
C PRO A 420 28.66 -7.76 -16.05
N PHE A 421 29.45 -7.41 -17.04
CA PHE A 421 30.22 -8.45 -17.74
C PHE A 421 31.70 -8.12 -17.66
N ASP A 422 32.57 -9.13 -17.69
CA ASP A 422 34.00 -8.86 -17.62
C ASP A 422 34.44 -8.06 -18.82
N ALA A 423 33.75 -8.30 -19.91
CA ALA A 423 33.91 -7.66 -21.19
C ALA A 423 33.69 -6.15 -21.11
N TRP A 424 32.96 -5.69 -20.10
CA TRP A 424 32.63 -4.28 -19.97
C TRP A 424 33.60 -3.51 -19.09
N ASN A 425 34.49 -4.21 -18.36
CA ASN A 425 35.36 -3.54 -17.39
C ASN A 425 36.65 -3.06 -18.01
N LYS A 426 36.49 -2.11 -18.91
CA LYS A 426 37.57 -1.57 -19.73
C LYS A 426 37.12 -0.29 -20.41
N GLU A 427 38.06 0.47 -20.97
CA GLU A 427 37.80 1.62 -21.83
C GLU A 427 37.42 1.12 -23.22
N GLN A 428 36.70 1.91 -24.03
CA GLN A 428 36.40 1.37 -25.36
C GLN A 428 36.04 2.40 -26.42
N ASP A 429 36.20 1.99 -27.69
CA ASP A 429 35.76 2.79 -28.82
C ASP A 429 34.36 2.36 -29.14
N LEU A 430 33.80 2.91 -30.21
CA LEU A 430 32.46 2.51 -30.59
C LEU A 430 32.39 1.07 -31.11
N ASN A 431 33.40 0.60 -31.87
CA ASN A 431 33.24 -0.75 -32.41
C ASN A 431 33.27 -1.74 -31.28
N THR A 432 34.20 -1.56 -30.34
CA THR A 432 34.29 -2.48 -29.23
C THR A 432 33.05 -2.37 -28.37
N ALA A 433 32.64 -1.13 -28.07
CA ALA A 433 31.51 -0.93 -27.20
C ALA A 433 30.26 -1.54 -27.74
N MET A 434 30.05 -1.42 -29.04
CA MET A 434 28.87 -1.97 -29.64
C MET A 434 28.98 -3.49 -29.68
N GLN A 435 30.12 -4.03 -30.08
CA GLN A 435 30.31 -5.46 -30.21
C GLN A 435 30.15 -6.18 -28.89
N ASN A 436 30.59 -5.55 -27.80
CA ASN A 436 30.44 -6.16 -26.50
C ASN A 436 29.32 -5.54 -25.67
N SER A 437 28.41 -4.76 -26.27
CA SER A 437 27.30 -4.14 -25.53
C SER A 437 27.72 -3.43 -24.23
N VAL A 438 28.76 -2.64 -24.27
CA VAL A 438 29.21 -2.09 -23.01
C VAL A 438 28.33 -0.99 -22.51
N ASN A 439 27.42 -1.33 -21.60
CA ASN A 439 26.45 -0.35 -21.11
C ASN A 439 27.12 0.90 -20.62
N TRP A 440 28.25 0.79 -19.92
CA TRP A 440 28.91 2.00 -19.43
C TRP A 440 29.16 3.04 -20.53
N TYR A 441 29.66 2.57 -21.66
CA TYR A 441 30.00 3.41 -22.78
C TYR A 441 28.76 4.20 -23.17
N PHE A 442 27.68 3.45 -23.31
CA PHE A 442 26.43 4.02 -23.75
C PHE A 442 25.75 4.89 -22.69
N GLU A 443 25.92 4.57 -21.40
CA GLU A 443 25.33 5.41 -20.37
C GLU A 443 25.91 6.80 -20.44
N ARG A 444 27.23 6.87 -20.63
CA ARG A 444 27.87 8.15 -20.80
C ARG A 444 27.39 8.85 -22.04
N ILE A 445 27.20 8.11 -23.13
CA ILE A 445 26.74 8.77 -24.33
C ILE A 445 25.42 9.47 -24.07
N SER A 446 24.47 8.83 -23.41
CA SER A 446 23.21 9.53 -23.14
C SER A 446 23.49 10.80 -22.33
N ASP A 447 24.31 10.69 -21.28
CA ASP A 447 24.63 11.84 -20.45
C ASP A 447 25.28 12.99 -21.24
N GLN A 448 26.06 12.65 -22.26
CA GLN A 448 26.76 13.64 -23.08
C GLN A 448 25.96 14.23 -24.25
N ILE A 449 24.74 13.77 -24.50
CA ILE A 449 23.97 14.27 -25.63
C ILE A 449 22.80 15.07 -25.12
N PRO A 450 22.59 16.33 -25.53
CA PRO A 450 21.46 17.08 -25.11
C PRO A 450 20.23 16.23 -25.35
N LYS A 451 19.37 16.13 -24.35
CA LYS A 451 18.22 15.28 -24.46
C LYS A 451 17.30 15.72 -25.57
N ASN A 452 17.25 17.02 -25.83
CA ASN A 452 16.41 17.55 -26.88
C ASN A 452 16.87 17.10 -28.27
N TYR A 453 18.17 16.82 -28.45
CA TYR A 453 18.62 16.33 -29.75
C TYR A 453 17.95 14.99 -29.97
N THR A 454 18.06 14.15 -28.94
CA THR A 454 17.50 12.82 -29.00
C THR A 454 15.99 12.88 -29.20
N ALA A 455 15.31 13.74 -28.43
CA ALA A 455 13.86 13.87 -28.55
C ALA A 455 13.46 14.29 -29.95
N THR A 456 14.25 15.20 -30.54
CA THR A 456 13.98 15.67 -31.88
C THR A 456 14.04 14.52 -32.85
N GLN A 457 15.08 13.70 -32.76
CA GLN A 457 15.19 12.55 -33.66
C GLN A 457 14.06 11.55 -33.41
N LEU A 458 13.63 11.36 -32.14
CA LEU A 458 12.56 10.39 -31.89
C LEU A 458 11.33 10.83 -32.67
N LYS A 459 11.08 12.12 -32.65
CA LYS A 459 9.94 12.66 -33.34
C LYS A 459 10.10 12.63 -34.86
N GLN A 460 11.23 13.12 -35.38
CA GLN A 460 11.42 13.25 -36.82
C GLN A 460 11.35 11.94 -37.56
N LEU A 461 11.89 10.89 -36.98
CA LEU A 461 11.91 9.62 -37.66
C LEU A 461 10.97 8.58 -37.09
N ASN A 462 9.89 9.01 -36.44
CA ASN A 462 8.85 8.09 -35.98
C ASN A 462 9.27 6.91 -35.10
N TYR A 463 10.05 7.17 -34.06
CA TYR A 463 10.54 6.09 -33.20
C TYR A 463 9.54 5.46 -32.26
N GLY A 464 8.66 4.64 -32.83
CA GLY A 464 7.67 3.89 -32.07
C GLY A 464 6.79 4.82 -31.30
N ASN A 465 6.70 4.59 -29.98
CA ASN A 465 5.86 5.48 -29.19
C ASN A 465 6.62 6.73 -28.78
N LYS A 466 7.89 6.84 -29.22
CA LYS A 466 8.74 7.98 -28.97
C LYS A 466 8.76 8.33 -27.49
N ASN A 467 8.65 7.33 -26.63
CA ASN A 467 8.57 7.65 -25.23
C ASN A 467 9.92 7.66 -24.58
N LEU A 468 10.41 8.86 -24.25
CA LEU A 468 11.74 9.01 -23.69
C LEU A 468 11.79 8.74 -22.18
N GLY A 469 10.64 8.48 -21.58
CA GLY A 469 10.55 8.21 -20.15
C GLY A 469 11.12 9.34 -19.32
N SER A 470 11.99 8.98 -18.37
CA SER A 470 12.66 9.93 -17.50
C SER A 470 14.05 9.38 -17.22
N TYR A 471 14.23 8.17 -17.73
CA TYR A 471 15.44 7.38 -17.58
C TYR A 471 16.41 7.66 -18.71
N LYS A 472 17.66 7.98 -18.41
CA LYS A 472 18.62 8.32 -19.45
C LYS A 472 18.81 7.19 -20.48
N SER A 473 18.47 5.99 -20.07
CA SER A 473 18.56 4.78 -20.87
C SER A 473 17.18 4.15 -20.96
N TYR A 474 16.17 4.99 -21.15
CA TYR A 474 14.73 4.70 -21.27
C TYR A 474 14.33 3.58 -22.24
N TRP A 475 15.21 3.24 -23.13
CA TRP A 475 14.92 2.17 -24.08
C TRP A 475 15.35 0.80 -23.55
N MET A 476 16.08 0.81 -22.44
CA MET A 476 16.64 -0.38 -21.87
C MET A 476 15.67 -1.05 -20.93
N GLU A 477 14.71 -1.76 -21.51
CA GLU A 477 13.63 -2.40 -20.75
C GLU A 477 12.89 -1.38 -19.90
N ASP A 478 12.51 -0.30 -20.54
CA ASP A 478 11.83 0.80 -19.92
C ASP A 478 10.81 1.40 -20.91
N SER A 479 10.51 2.69 -20.75
CA SER A 479 9.47 3.45 -21.44
C SER A 479 9.40 3.45 -22.98
N LEU A 480 10.53 3.45 -23.68
CA LEU A 480 10.43 3.49 -25.16
C LEU A 480 10.12 2.11 -25.64
N LYS A 481 9.12 2.00 -26.50
CA LYS A 481 8.79 0.71 -27.10
C LYS A 481 8.54 0.89 -28.58
N ILE A 482 8.87 -0.16 -29.34
CA ILE A 482 8.70 -0.13 -30.78
C ILE A 482 8.36 -1.52 -31.30
N SER A 483 7.55 -1.59 -32.34
CA SER A 483 7.23 -2.88 -32.95
C SER A 483 8.34 -3.32 -33.87
N ASN A 484 8.27 -4.56 -34.37
CA ASN A 484 9.31 -5.01 -35.28
C ASN A 484 9.08 -4.31 -36.59
N LEU A 485 7.82 -4.08 -36.89
CA LEU A 485 7.50 -3.39 -38.12
C LEU A 485 8.04 -1.98 -38.07
N GLU A 486 7.78 -1.30 -36.96
CA GLU A 486 8.28 0.04 -36.78
C GLU A 486 9.79 0.04 -36.76
N GLN A 487 10.42 -0.95 -36.14
CA GLN A 487 11.87 -0.99 -36.10
C GLN A 487 12.46 -1.02 -37.49
N VAL A 488 11.85 -1.78 -38.40
CA VAL A 488 12.31 -1.87 -39.77
C VAL A 488 12.12 -0.55 -40.50
N ILE A 489 10.93 0.04 -40.32
CA ILE A 489 10.60 1.30 -40.97
C ILE A 489 11.56 2.40 -40.53
N VAL A 490 11.80 2.49 -39.24
CA VAL A 490 12.65 3.53 -38.73
C VAL A 490 14.08 3.36 -39.16
N PHE A 491 14.66 2.18 -39.03
CA PHE A 491 16.05 2.09 -39.44
C PHE A 491 16.18 2.38 -40.92
N LYS A 492 15.31 1.78 -41.74
CA LYS A 492 15.41 2.04 -43.16
C LYS A 492 15.37 3.51 -43.43
N ASN A 493 14.40 4.22 -42.83
CA ASN A 493 14.27 5.63 -43.06
C ASN A 493 15.47 6.38 -42.50
N MET A 494 16.08 5.86 -41.44
CA MET A 494 17.22 6.53 -40.85
C MET A 494 18.25 6.74 -41.94
N MET A 495 18.55 5.71 -42.72
CA MET A 495 19.55 5.93 -43.74
C MET A 495 18.98 6.50 -45.05
N GLU A 496 17.83 5.97 -45.48
CA GLU A 496 17.21 6.32 -46.76
C GLU A 496 16.61 7.72 -46.84
N GLN A 497 16.01 8.18 -45.76
CA GLN A 497 15.28 9.44 -45.79
C GLN A 497 15.79 10.53 -44.85
N ASN A 498 16.30 10.17 -43.67
CA ASN A 498 16.65 11.17 -42.67
C ASN A 498 17.59 12.25 -43.25
N ASN A 499 17.04 13.47 -43.31
CA ASN A 499 17.72 14.65 -43.82
C ASN A 499 18.16 15.57 -42.71
N HIS A 500 18.17 15.04 -41.50
CA HIS A 500 18.58 15.74 -40.30
C HIS A 500 19.59 14.85 -39.61
N PHE A 501 20.43 14.21 -40.41
CA PHE A 501 21.42 13.27 -39.91
C PHE A 501 22.50 13.08 -40.98
N SER A 502 23.77 13.26 -40.62
CA SER A 502 24.87 13.18 -41.60
C SER A 502 25.17 11.79 -42.12
N LYS A 503 25.79 11.77 -43.30
CA LYS A 503 26.24 10.54 -43.95
C LYS A 503 27.29 9.82 -43.14
N LYS A 504 28.17 10.57 -42.49
CA LYS A 504 29.21 9.93 -41.73
C LYS A 504 28.61 9.18 -40.58
N ALA A 505 27.65 9.78 -39.87
CA ALA A 505 27.07 9.07 -38.74
C ALA A 505 26.40 7.77 -39.22
N LYS A 506 25.74 7.84 -40.39
CA LYS A 506 25.04 6.69 -40.96
C LYS A 506 26.02 5.53 -41.24
N ASN A 507 27.12 5.86 -41.90
CA ASN A 507 28.09 4.86 -42.29
C ASN A 507 28.99 4.39 -41.15
N GLN A 508 29.37 5.29 -40.26
CA GLN A 508 30.23 4.91 -39.16
C GLN A 508 29.52 3.87 -38.32
N LEU A 509 28.24 4.14 -38.05
CA LEU A 509 27.46 3.22 -37.27
C LEU A 509 27.35 1.91 -38.03
N SER A 510 26.99 1.97 -39.31
CA SER A 510 26.83 0.74 -40.08
C SER A 510 28.02 -0.20 -39.99
N SER A 511 29.24 0.30 -40.18
CA SER A 511 30.38 -0.60 -40.15
C SER A 511 30.49 -1.40 -38.85
N SER A 512 30.16 -0.77 -37.71
CA SER A 512 30.26 -1.42 -36.39
C SER A 512 29.31 -2.62 -36.21
N LEU A 513 28.32 -2.77 -37.08
CA LEU A 513 27.34 -3.85 -36.99
C LEU A 513 27.59 -5.07 -37.88
N LEU A 514 28.66 -5.09 -38.68
CA LEU A 514 28.80 -6.25 -39.59
C LEU A 514 28.87 -7.58 -38.82
N ILE A 515 28.08 -8.55 -39.29
CA ILE A 515 28.01 -9.90 -38.73
C ILE A 515 28.80 -10.86 -39.64
N LYS A 516 28.37 -10.95 -40.89
CA LYS A 516 28.89 -11.89 -41.90
C LYS A 516 28.78 -11.36 -43.31
N LYS A 517 29.56 -11.94 -44.22
CA LYS A 517 29.46 -11.56 -45.61
C LYS A 517 29.84 -12.69 -46.57
N ASN A 518 29.36 -12.58 -47.81
CA ASN A 518 29.67 -13.53 -48.89
C ASN A 518 29.64 -12.82 -50.26
N GLU A 519 29.50 -13.60 -51.35
CA GLU A 519 29.47 -13.07 -52.73
C GLU A 519 28.18 -12.32 -53.09
N LYS A 520 27.16 -12.41 -52.25
CA LYS A 520 25.90 -11.75 -52.50
C LYS A 520 25.70 -10.55 -51.59
N TYR A 521 26.20 -10.62 -50.36
CA TYR A 521 25.91 -9.56 -49.38
C TYR A 521 26.81 -9.38 -48.18
N GLU A 522 26.52 -8.26 -47.50
CA GLU A 522 27.05 -7.90 -46.20
C GLU A 522 25.88 -7.76 -45.21
N LEU A 523 25.88 -8.63 -44.20
CA LEU A 523 24.85 -8.69 -43.17
C LEU A 523 25.27 -7.96 -41.94
N TYR A 524 24.45 -7.02 -41.52
CA TYR A 524 24.69 -6.20 -40.36
C TYR A 524 23.58 -6.35 -39.34
N GLY A 525 23.90 -6.20 -38.07
CA GLY A 525 22.84 -6.24 -37.10
C GLY A 525 23.29 -6.09 -35.68
N LYS A 526 22.34 -6.17 -34.77
CA LYS A 526 22.60 -6.01 -33.37
C LYS A 526 21.61 -6.78 -32.50
N THR A 527 22.11 -7.51 -31.51
CA THR A 527 21.26 -8.22 -30.55
C THR A 527 21.07 -7.48 -29.26
N GLY A 528 20.13 -7.98 -28.48
CA GLY A 528 19.91 -7.52 -27.13
C GLY A 528 18.97 -8.46 -26.42
N THR A 529 19.15 -8.60 -25.13
CA THR A 529 18.30 -9.48 -24.38
C THR A 529 17.56 -8.79 -23.28
N GLY A 530 16.27 -8.92 -23.36
CA GLY A 530 15.38 -8.38 -22.36
C GLY A 530 15.40 -9.28 -21.19
N ILE A 531 16.44 -9.15 -20.36
CA ILE A 531 16.50 -9.99 -19.19
C ILE A 531 16.14 -9.16 -17.96
N VAL A 532 15.10 -9.61 -17.28
CA VAL A 532 14.52 -8.96 -16.12
C VAL A 532 14.37 -9.90 -14.96
N ASN A 533 15.00 -9.58 -13.84
CA ASN A 533 14.97 -10.34 -12.63
C ASN A 533 15.45 -11.75 -12.95
N GLY A 534 16.43 -11.78 -13.82
CA GLY A 534 17.09 -13.00 -14.28
C GLY A 534 16.37 -13.80 -15.38
N LYS A 535 15.18 -13.38 -15.83
CA LYS A 535 14.47 -14.15 -16.84
C LYS A 535 14.43 -13.48 -18.20
N TYR A 536 14.36 -14.27 -19.26
CA TYR A 536 14.29 -13.70 -20.59
C TYR A 536 12.87 -13.33 -20.97
N ASN A 537 12.70 -12.12 -21.47
CA ASN A 537 11.43 -11.59 -21.94
C ASN A 537 11.45 -11.10 -23.39
N ASN A 538 12.60 -10.53 -23.82
CA ASN A 538 12.68 -9.97 -25.20
C ASN A 538 13.88 -10.41 -26.00
N GLY A 539 13.66 -11.31 -26.92
CA GLY A 539 14.73 -11.83 -27.74
C GLY A 539 14.99 -10.94 -28.93
N TRP A 540 15.69 -9.82 -28.75
CA TRP A 540 15.88 -8.93 -29.90
C TRP A 540 17.08 -9.18 -30.79
N PHE A 541 16.83 -8.96 -32.08
CA PHE A 541 17.87 -8.87 -33.07
C PHE A 541 17.38 -8.04 -34.22
N VAL A 542 18.13 -7.00 -34.54
CA VAL A 542 17.72 -6.13 -35.62
C VAL A 542 18.85 -6.00 -36.62
N GLY A 543 18.54 -5.54 -37.82
CA GLY A 543 19.62 -5.34 -38.76
C GLY A 543 19.17 -5.03 -40.17
N TYR A 544 20.12 -5.19 -41.07
CA TYR A 544 19.92 -4.92 -42.48
C TYR A 544 20.94 -5.69 -43.29
N VAL A 545 20.64 -5.82 -44.57
CA VAL A 545 21.53 -6.51 -45.46
C VAL A 545 21.78 -5.68 -46.69
N ILE A 546 23.03 -5.54 -47.05
CA ILE A 546 23.34 -4.86 -48.27
C ILE A 546 23.74 -5.93 -49.24
N THR A 547 23.03 -6.07 -50.35
CA THR A 547 23.40 -7.15 -51.23
C THR A 547 23.87 -6.53 -52.53
N ASN A 548 24.24 -7.40 -53.46
CA ASN A 548 24.70 -6.98 -54.76
C ASN A 548 23.54 -6.85 -55.75
N HIS A 549 22.30 -6.97 -55.26
CA HIS A 549 21.12 -6.82 -56.09
C HIS A 549 20.03 -5.91 -55.48
N ASP A 550 20.01 -5.81 -54.14
CA ASP A 550 18.99 -5.08 -53.38
C ASP A 550 19.51 -4.70 -51.99
N LYS A 551 18.67 -4.02 -51.23
CA LYS A 551 18.98 -3.69 -49.85
C LYS A 551 17.81 -4.10 -49.00
N TYR A 552 18.10 -4.75 -47.89
CA TYR A 552 17.03 -5.21 -47.05
C TYR A 552 17.12 -4.74 -45.65
N TYR A 553 15.97 -4.61 -45.04
CA TYR A 553 15.90 -4.22 -43.65
C TYR A 553 15.09 -5.21 -42.87
N PHE A 554 15.42 -5.44 -41.61
CA PHE A 554 14.62 -6.39 -40.85
C PHE A 554 14.65 -6.23 -39.33
N ALA A 555 13.69 -6.89 -38.68
CA ALA A 555 13.65 -6.96 -37.21
C ALA A 555 12.99 -8.25 -36.73
N THR A 556 13.68 -8.90 -35.78
CA THR A 556 13.26 -10.15 -35.16
C THR A 556 12.99 -9.93 -33.68
N HIS A 557 11.92 -10.55 -33.20
CA HIS A 557 11.65 -10.54 -31.77
C HIS A 557 11.05 -11.86 -31.30
N LEU A 558 11.66 -12.40 -30.26
CA LEU A 558 11.20 -13.64 -29.66
C LEU A 558 10.51 -13.31 -28.35
N SER A 559 9.41 -13.99 -28.04
CA SER A 559 8.77 -13.74 -26.75
C SER A 559 8.67 -15.00 -25.91
N ASP A 560 8.63 -16.15 -26.56
CA ASP A 560 8.45 -17.42 -25.88
C ASP A 560 9.75 -18.20 -25.85
N GLY A 561 9.71 -19.38 -25.24
CA GLY A 561 10.88 -20.25 -25.13
C GLY A 561 11.93 -19.55 -24.31
N LYS A 562 13.06 -19.34 -24.94
CA LYS A 562 14.20 -18.69 -24.35
C LYS A 562 14.48 -17.51 -25.24
N PRO A 563 13.70 -16.42 -25.12
CA PRO A 563 13.75 -15.27 -25.96
C PRO A 563 14.97 -14.43 -25.67
N SER A 564 16.12 -14.97 -26.03
CA SER A 564 17.38 -14.28 -25.85
C SER A 564 17.78 -13.59 -27.14
N GLY A 565 18.67 -12.61 -27.03
CA GLY A 565 19.22 -11.90 -28.18
C GLY A 565 19.99 -12.84 -29.10
N LYS A 566 20.66 -13.84 -28.52
CA LYS A 566 21.42 -14.76 -29.34
C LYS A 566 20.49 -15.60 -30.17
N ASN A 567 19.41 -16.10 -29.57
CA ASN A 567 18.52 -16.89 -30.36
C ASN A 567 17.91 -16.05 -31.44
N ALA A 568 17.63 -14.78 -31.15
CA ALA A 568 17.04 -13.92 -32.16
C ALA A 568 17.98 -13.78 -33.34
N GLU A 569 19.29 -13.65 -33.06
CA GLU A 569 20.28 -13.55 -34.12
C GLU A 569 20.23 -14.79 -34.99
N LEU A 570 20.24 -15.96 -34.34
CA LEU A 570 20.26 -17.22 -35.06
C LEU A 570 19.01 -17.41 -35.88
N ILE A 571 17.88 -17.06 -35.30
CA ILE A 571 16.62 -17.18 -35.97
C ILE A 571 16.54 -16.24 -37.13
N SER A 572 16.93 -15.00 -36.94
CA SER A 572 16.86 -14.06 -38.04
C SER A 572 17.71 -14.52 -39.17
N GLU A 573 18.96 -14.90 -38.91
CA GLU A 573 19.82 -15.30 -40.00
C GLU A 573 19.23 -16.47 -40.76
N LYS A 574 18.72 -17.46 -40.03
CA LYS A 574 18.16 -18.62 -40.66
C LYS A 574 16.98 -18.24 -41.55
N ILE A 575 16.13 -17.34 -41.06
CA ILE A 575 14.98 -16.89 -41.83
C ILE A 575 15.40 -16.15 -43.06
N LEU A 576 16.29 -15.19 -42.90
CA LEU A 576 16.70 -14.35 -43.98
C LEU A 576 17.32 -15.20 -45.08
N LYS A 577 18.08 -16.20 -44.69
CA LYS A 577 18.67 -17.08 -45.68
C LYS A 577 17.59 -17.87 -46.40
N GLU A 578 16.65 -18.44 -45.67
CA GLU A 578 15.60 -19.23 -46.31
C GLU A 578 14.73 -18.38 -47.22
N MET A 579 14.54 -17.11 -46.86
CA MET A 579 13.72 -16.20 -47.65
C MET A 579 14.43 -15.64 -48.86
N GLY A 580 15.69 -15.99 -49.05
CA GLY A 580 16.41 -15.44 -50.18
C GLY A 580 17.18 -14.19 -49.84
N VAL A 581 16.98 -13.60 -48.67
CA VAL A 581 17.68 -12.36 -48.38
C VAL A 581 19.16 -12.57 -48.29
N LEU A 582 19.52 -13.64 -47.61
CA LEU A 582 20.91 -13.98 -47.46
C LEU A 582 21.28 -15.12 -48.40
N ASN A 583 20.42 -15.34 -49.42
CA ASN A 583 20.65 -16.40 -50.37
C ASN A 583 20.36 -16.01 -51.84
N GLY A 584 20.47 -14.71 -52.19
CA GLY A 584 20.32 -14.26 -53.59
C GLY A 584 18.92 -14.07 -54.23
N GLN A 585 17.84 -14.05 -53.46
CA GLN A 585 16.50 -13.91 -54.05
C GLN A 585 15.65 -12.89 -53.32
N MET B 1 -3.96 -1.89 -14.84
CA MET B 1 -5.13 -1.17 -14.37
C MET B 1 -4.92 -0.53 -13.03
N ALA B 2 -4.04 -1.09 -12.22
CA ALA B 2 -3.90 -0.57 -10.87
C ALA B 2 -3.57 0.89 -10.91
N LYS B 3 -2.68 1.27 -11.80
CA LYS B 3 -2.28 2.65 -11.86
C LYS B 3 -3.46 3.53 -12.22
N LEU B 4 -4.31 3.06 -13.13
CA LEU B 4 -5.44 3.86 -13.56
C LEU B 4 -6.46 4.00 -12.48
N LEU B 5 -6.69 2.92 -11.75
CA LEU B 5 -7.67 2.92 -10.70
C LEU B 5 -7.18 3.89 -9.65
N ILE B 6 -5.89 3.89 -9.39
CA ILE B 6 -5.30 4.80 -8.44
C ILE B 6 -5.43 6.23 -8.89
N MET B 7 -5.10 6.48 -10.14
CA MET B 7 -5.19 7.82 -10.67
C MET B 7 -6.61 8.32 -10.54
N SER B 8 -7.57 7.45 -10.82
CA SER B 8 -8.96 7.79 -10.70
C SER B 8 -9.32 8.17 -9.31
N ILE B 9 -8.84 7.40 -8.35
CA ILE B 9 -9.10 7.70 -6.96
C ILE B 9 -8.53 9.06 -6.65
N VAL B 10 -7.31 9.33 -7.11
CA VAL B 10 -6.71 10.61 -6.85
C VAL B 10 -7.51 11.74 -7.45
N SER B 11 -7.91 11.60 -8.69
CA SER B 11 -8.65 12.63 -9.36
C SER B 11 -9.94 12.90 -8.62
N PHE B 12 -10.63 11.82 -8.29
CA PHE B 12 -11.88 11.87 -7.59
C PHE B 12 -11.70 12.59 -6.29
N CYS B 13 -10.72 12.15 -5.48
CA CYS B 13 -10.59 12.71 -4.15
C CYS B 13 -10.23 14.15 -4.19
N PHE B 14 -9.52 14.58 -5.22
CA PHE B 14 -9.18 15.97 -5.35
C PHE B 14 -10.43 16.80 -5.44
N ILE B 15 -11.26 16.45 -6.41
CA ILE B 15 -12.47 17.20 -6.62
C ILE B 15 -13.38 17.06 -5.45
N PHE B 16 -13.47 15.87 -4.93
CA PHE B 16 -14.30 15.58 -3.82
C PHE B 16 -13.94 16.47 -2.66
N LEU B 17 -12.66 16.54 -2.34
CA LEU B 17 -12.24 17.38 -1.26
C LEU B 17 -12.55 18.83 -1.52
N LEU B 18 -12.35 19.30 -2.75
CA LEU B 18 -12.65 20.69 -2.99
C LEU B 18 -14.09 20.93 -2.70
N LEU B 19 -14.93 20.01 -3.13
CA LEU B 19 -16.31 20.19 -2.87
C LEU B 19 -16.61 20.13 -1.40
N LEU B 20 -15.95 19.24 -0.65
CA LEU B 20 -16.24 19.21 0.76
C LEU B 20 -15.89 20.53 1.37
N PHE B 21 -14.79 21.11 0.93
CA PHE B 21 -14.38 22.40 1.41
C PHE B 21 -15.46 23.41 1.16
N PHE B 22 -15.94 23.48 -0.07
CA PHE B 22 -16.95 24.45 -0.37
C PHE B 22 -18.19 24.18 0.44
N ARG B 23 -18.56 22.94 0.56
CA ARG B 23 -19.74 22.58 1.31
C ARG B 23 -19.64 23.19 2.69
N TYR B 24 -18.49 23.00 3.31
CA TYR B 24 -18.28 23.54 4.63
C TYR B 24 -18.47 25.03 4.65
N ILE B 25 -17.82 25.74 3.74
CA ILE B 25 -17.88 27.18 3.72
C ILE B 25 -19.26 27.70 3.49
N LEU B 26 -19.95 27.12 2.53
CA LEU B 26 -21.25 27.57 2.18
C LEU B 26 -22.17 27.49 3.35
N LYS B 27 -22.12 26.38 4.06
CA LYS B 27 -23.00 26.31 5.19
C LYS B 27 -22.50 27.17 6.33
N ARG B 28 -21.24 26.96 6.70
CA ARG B 28 -20.62 27.64 7.82
C ARG B 28 -20.79 29.14 7.83
N TYR B 29 -20.65 29.79 6.68
CA TYR B 29 -20.74 31.22 6.67
C TYR B 29 -21.99 31.78 6.04
N PHE B 30 -22.68 31.04 5.18
CA PHE B 30 -23.80 31.62 4.47
C PHE B 30 -25.12 30.90 4.59
N ASN B 31 -25.14 29.70 5.20
CA ASN B 31 -26.31 28.84 5.17
C ASN B 31 -26.65 28.49 3.73
N TYR B 32 -25.63 28.27 2.93
CA TYR B 32 -25.80 27.91 1.55
C TYR B 32 -25.35 26.49 1.42
N MET B 33 -25.78 25.80 0.38
CA MET B 33 -25.38 24.43 0.19
C MET B 33 -25.12 24.13 -1.27
N LEU B 34 -24.34 23.10 -1.52
CA LEU B 34 -24.06 22.70 -2.88
C LEU B 34 -25.27 22.13 -3.54
N ASN B 35 -25.37 22.32 -4.84
CA ASN B 35 -26.39 21.63 -5.59
C ASN B 35 -25.75 20.34 -5.86
N TYR B 36 -26.27 19.30 -5.26
CA TYR B 36 -25.70 17.98 -5.30
C TYR B 36 -25.30 17.51 -6.67
N LYS B 37 -25.87 18.06 -7.73
CA LYS B 37 -25.52 17.58 -9.05
C LYS B 37 -24.04 17.76 -9.28
N VAL B 38 -23.44 18.66 -8.53
CA VAL B 38 -22.05 18.97 -8.62
C VAL B 38 -21.21 17.75 -8.35
N TRP B 39 -21.74 16.80 -7.61
CA TRP B 39 -21.01 15.62 -7.26
C TRP B 39 -20.79 14.75 -8.45
N TYR B 40 -21.49 15.01 -9.54
CA TYR B 40 -21.25 14.23 -10.72
C TYR B 40 -19.86 14.50 -11.18
N LEU B 41 -19.30 15.65 -10.81
CA LEU B 41 -17.97 15.96 -11.19
C LEU B 41 -17.01 15.00 -10.57
N THR B 42 -17.29 14.46 -9.39
CA THR B 42 -16.31 13.57 -8.82
C THR B 42 -16.36 12.31 -9.61
N LEU B 43 -17.56 11.92 -10.02
CA LEU B 43 -17.59 10.71 -10.78
C LEU B 43 -16.84 10.93 -12.05
N LEU B 44 -17.09 12.06 -12.68
CA LEU B 44 -16.43 12.33 -13.92
C LEU B 44 -14.95 12.42 -13.74
N ALA B 45 -14.52 13.00 -12.64
CA ALA B 45 -13.11 13.14 -12.38
C ALA B 45 -12.43 11.81 -12.37
N GLY B 46 -13.10 10.82 -11.80
CA GLY B 46 -12.53 9.50 -11.70
C GLY B 46 -12.61 8.69 -12.98
N LEU B 47 -13.23 9.25 -14.00
CA LEU B 47 -13.33 8.56 -15.25
C LEU B 47 -12.30 9.11 -16.19
N ILE B 48 -11.64 10.17 -15.77
CA ILE B 48 -10.73 10.83 -16.65
C ILE B 48 -9.57 9.98 -17.09
N PRO B 49 -8.92 9.20 -16.23
CA PRO B 49 -7.76 8.42 -16.56
C PRO B 49 -7.99 7.44 -17.67
N PHE B 50 -9.25 7.13 -17.96
CA PHE B 50 -9.56 6.14 -18.96
C PHE B 50 -9.89 6.74 -20.31
N ILE B 51 -9.69 8.05 -20.47
CA ILE B 51 -9.99 8.67 -21.74
C ILE B 51 -8.71 8.76 -22.58
N PRO B 52 -8.62 8.05 -23.72
CA PRO B 52 -7.42 7.89 -24.52
C PRO B 52 -7.05 9.08 -25.40
N ILE B 53 -6.83 10.20 -24.78
CA ILE B 53 -6.42 11.39 -25.49
C ILE B 53 -5.15 11.93 -24.91
N LYS B 54 -4.14 12.13 -25.74
CA LYS B 54 -2.87 12.66 -25.25
C LYS B 54 -2.95 14.17 -25.08
N PHE B 55 -3.74 14.55 -24.09
CA PHE B 55 -4.04 15.91 -23.72
C PHE B 55 -3.10 16.44 -22.68
N SER B 56 -2.63 17.66 -22.90
CA SER B 56 -1.76 18.32 -21.96
C SER B 56 -1.88 19.79 -22.27
N LEU B 57 -1.39 20.64 -21.40
CA LEU B 57 -1.40 22.07 -21.66
C LEU B 57 -0.07 22.69 -21.29
N ILE B 87 27.33 -10.94 -33.54
CA ILE B 87 27.31 -10.02 -32.40
C ILE B 87 27.60 -10.86 -31.16
N GLN B 88 28.50 -10.41 -30.28
CA GLN B 88 28.75 -11.25 -29.12
C GLN B 88 27.60 -11.04 -28.17
N GLU B 89 27.02 -12.11 -27.65
CA GLU B 89 25.86 -11.90 -26.79
C GLU B 89 26.22 -11.74 -25.33
N PHE B 90 26.03 -10.52 -24.86
CA PHE B 90 26.33 -10.14 -23.50
C PHE B 90 25.12 -9.34 -22.99
N ALA B 91 24.74 -9.51 -21.73
CA ALA B 91 23.62 -8.73 -21.22
C ALA B 91 23.57 -8.71 -19.70
N THR B 92 22.90 -7.69 -19.16
CA THR B 92 22.68 -7.57 -17.72
C THR B 92 21.19 -7.62 -17.39
N ASP B 93 20.92 -7.84 -16.10
CA ASP B 93 19.59 -7.94 -15.47
C ASP B 93 18.98 -6.61 -15.05
N ILE B 94 17.84 -6.22 -15.63
CA ILE B 94 17.22 -4.96 -15.27
C ILE B 94 16.17 -5.21 -14.18
N HIS B 95 16.40 -4.67 -12.99
CA HIS B 95 15.53 -4.95 -11.86
C HIS B 95 14.26 -4.12 -11.72
N LYS B 96 13.24 -4.51 -12.44
CA LYS B 96 11.96 -3.82 -12.38
C LYS B 96 11.00 -4.33 -11.30
N PHE B 97 10.13 -3.42 -10.85
CA PHE B 97 9.07 -3.67 -9.88
C PHE B 97 8.06 -4.71 -10.38
N ASN B 98 7.62 -5.59 -9.49
CA ASN B 98 6.65 -6.59 -9.88
C ASN B 98 5.25 -6.04 -9.98
N TRP B 99 4.97 -5.43 -11.13
CA TRP B 99 3.65 -4.87 -11.36
C TRP B 99 2.65 -5.96 -11.68
N ASP B 100 3.09 -7.08 -12.23
CA ASP B 100 2.12 -8.11 -12.60
C ASP B 100 1.29 -8.54 -11.40
N SER B 101 1.92 -8.63 -10.24
CA SER B 101 1.24 -9.04 -9.02
C SER B 101 0.34 -7.97 -8.42
N ILE B 102 0.39 -6.77 -8.98
CA ILE B 102 -0.41 -5.65 -8.54
C ILE B 102 -1.58 -5.42 -9.50
N ASP B 103 -1.29 -5.44 -10.80
CA ASP B 103 -2.33 -5.17 -11.78
C ASP B 103 -3.19 -6.40 -12.01
N ASN B 104 -2.62 -7.61 -11.92
CA ASN B 104 -3.45 -8.78 -12.13
C ASN B 104 -4.50 -8.85 -11.05
N ILE B 105 -4.12 -8.47 -9.84
CA ILE B 105 -5.03 -8.56 -8.75
C ILE B 105 -5.95 -7.38 -8.75
N CYS B 106 -5.45 -6.20 -9.07
CA CYS B 106 -6.33 -5.06 -9.03
C CYS B 106 -7.49 -5.28 -9.98
N THR B 107 -7.19 -5.89 -11.12
CA THR B 107 -8.20 -6.16 -12.11
C THR B 107 -9.25 -7.08 -11.52
N VAL B 108 -8.80 -8.18 -10.93
CA VAL B 108 -9.72 -9.15 -10.36
C VAL B 108 -10.52 -8.57 -9.22
N ILE B 109 -9.88 -7.82 -8.36
CA ILE B 109 -10.54 -7.26 -7.21
C ILE B 109 -11.69 -6.41 -7.66
N TRP B 110 -11.45 -5.54 -8.62
CA TRP B 110 -12.52 -4.73 -9.12
C TRP B 110 -13.61 -5.59 -9.74
N ILE B 111 -13.25 -6.57 -10.56
CA ILE B 111 -14.28 -7.36 -11.21
C ILE B 111 -15.16 -8.06 -10.19
N VAL B 112 -14.55 -8.69 -9.23
CA VAL B 112 -15.34 -9.41 -8.29
C VAL B 112 -16.25 -8.50 -7.55
N LEU B 113 -15.74 -7.37 -7.09
CA LEU B 113 -16.57 -6.47 -6.36
C LEU B 113 -17.71 -5.95 -7.19
N VAL B 114 -17.49 -5.61 -8.45
CA VAL B 114 -18.60 -5.09 -9.20
C VAL B 114 -19.68 -6.14 -9.38
N ILE B 115 -19.29 -7.40 -9.49
CA ILE B 115 -20.28 -8.44 -9.61
C ILE B 115 -21.12 -8.48 -8.35
N ILE B 116 -20.46 -8.41 -7.21
CA ILE B 116 -21.16 -8.46 -5.95
C ILE B 116 -22.10 -7.28 -5.81
N LEU B 117 -21.61 -6.09 -6.08
CA LEU B 117 -22.41 -4.92 -5.94
C LEU B 117 -23.54 -4.94 -6.94
N SER B 118 -23.29 -5.45 -8.13
CA SER B 118 -24.33 -5.53 -9.12
C SER B 118 -25.42 -6.40 -8.58
N PHE B 119 -25.08 -7.53 -7.99
CA PHE B 119 -26.10 -8.35 -7.41
C PHE B 119 -26.87 -7.57 -6.37
N LYS B 120 -26.16 -6.94 -5.44
CA LYS B 120 -26.84 -6.20 -4.39
C LYS B 120 -27.82 -5.21 -5.00
N PHE B 121 -27.38 -4.51 -6.03
CA PHE B 121 -28.24 -3.60 -6.74
C PHE B 121 -29.46 -4.28 -7.28
N LEU B 122 -29.27 -5.37 -7.98
CA LEU B 122 -30.37 -6.06 -8.57
C LEU B 122 -31.32 -6.51 -7.53
N LYS B 123 -30.82 -6.97 -6.40
CA LYS B 123 -31.69 -7.39 -5.35
C LYS B 123 -32.60 -6.21 -5.00
N ALA B 124 -31.99 -5.04 -4.80
CA ALA B 124 -32.75 -3.85 -4.47
C ALA B 124 -33.72 -3.50 -5.59
N LEU B 125 -33.31 -3.70 -6.83
CA LEU B 125 -34.18 -3.42 -7.95
C LEU B 125 -35.38 -4.31 -7.94
N LEU B 126 -35.16 -5.58 -7.69
CA LEU B 126 -36.24 -6.53 -7.69
C LEU B 126 -37.23 -6.15 -6.63
N TYR B 127 -36.73 -5.70 -5.48
CA TYR B 127 -37.60 -5.25 -4.42
C TYR B 127 -38.47 -4.16 -4.97
N LEU B 128 -37.86 -3.19 -5.62
CA LEU B 128 -38.65 -2.10 -6.12
C LEU B 128 -39.68 -2.60 -7.12
N LYS B 129 -39.29 -3.53 -8.00
CA LYS B 129 -40.23 -4.04 -8.98
C LYS B 129 -41.38 -4.73 -8.31
N TYR B 130 -41.10 -5.47 -7.26
CA TYR B 130 -42.14 -6.14 -6.52
C TYR B 130 -43.12 -5.14 -6.06
N LEU B 131 -42.64 -4.08 -5.44
CA LEU B 131 -43.55 -3.10 -4.93
C LEU B 131 -44.31 -2.46 -6.06
N LYS B 132 -43.65 -2.24 -7.18
CA LYS B 132 -44.34 -1.64 -8.30
C LYS B 132 -45.51 -2.53 -8.66
N LYS B 133 -45.26 -3.83 -8.81
CA LYS B 133 -46.31 -4.77 -9.16
C LYS B 133 -47.43 -4.78 -8.13
N GLN B 134 -47.06 -4.63 -6.89
CA GLN B 134 -48.00 -4.65 -5.79
C GLN B 134 -48.56 -3.29 -5.43
N SER B 135 -48.24 -2.25 -6.18
CA SER B 135 -48.74 -0.92 -5.89
C SER B 135 -50.24 -0.80 -6.12
N LEU B 136 -50.92 -0.06 -5.27
CA LEU B 136 -52.35 0.14 -5.42
C LEU B 136 -52.68 1.56 -5.82
N TYR B 137 -53.75 1.73 -6.55
CA TYR B 137 -54.23 3.04 -6.96
C TYR B 137 -55.00 3.72 -5.86
N LEU B 138 -55.03 5.03 -5.90
CA LEU B 138 -55.77 5.81 -4.93
C LEU B 138 -57.10 6.24 -5.49
N ASN B 139 -58.10 6.35 -4.63
CA ASN B 139 -59.40 6.81 -5.10
C ASN B 139 -59.48 8.32 -4.98
N GLU B 140 -60.60 8.91 -5.36
CA GLU B 140 -60.72 10.36 -5.35
C GLU B 140 -60.59 11.01 -3.98
N ASN B 141 -60.81 10.24 -2.92
CA ASN B 141 -60.79 10.79 -1.57
C ASN B 141 -59.43 10.61 -0.95
N GLU B 142 -58.52 10.10 -1.77
CA GLU B 142 -57.15 9.90 -1.41
C GLU B 142 -56.32 10.80 -2.31
N LYS B 143 -56.64 10.79 -3.60
CA LYS B 143 -55.95 11.60 -4.58
C LYS B 143 -56.08 13.06 -4.27
N ASN B 144 -57.24 13.47 -3.75
CA ASN B 144 -57.47 14.86 -3.45
C ASN B 144 -56.62 15.35 -2.30
N LYS B 145 -56.05 14.46 -1.50
CA LYS B 145 -55.22 14.91 -0.41
C LYS B 145 -53.92 15.30 -1.01
N ILE B 146 -53.47 14.49 -1.97
CA ILE B 146 -52.20 14.75 -2.58
C ILE B 146 -52.31 16.05 -3.31
N ASP B 147 -53.41 16.20 -4.05
CA ASP B 147 -53.65 17.40 -4.78
C ASP B 147 -53.71 18.58 -3.85
N THR B 148 -54.37 18.45 -2.72
CA THR B 148 -54.43 19.57 -1.82
C THR B 148 -53.03 20.01 -1.45
N ILE B 149 -52.19 19.05 -1.13
CA ILE B 149 -50.82 19.31 -0.71
C ILE B 149 -49.96 19.96 -1.79
N LEU B 150 -49.99 19.45 -3.01
CA LEU B 150 -49.11 19.97 -4.06
C LEU B 150 -49.70 21.09 -4.94
N PHE B 151 -51.02 21.16 -5.02
CA PHE B 151 -51.75 22.10 -5.86
C PHE B 151 -51.35 23.54 -5.75
N ASN B 152 -51.16 24.02 -4.54
CA ASN B 152 -50.89 25.42 -4.32
C ASN B 152 -49.66 25.94 -5.02
N HIS B 153 -48.74 25.04 -5.37
CA HIS B 153 -47.51 25.45 -6.01
C HIS B 153 -47.49 24.95 -7.43
N GLN B 154 -48.66 24.48 -7.87
CA GLN B 154 -48.84 23.98 -9.20
C GLN B 154 -47.79 22.97 -9.53
N TYR B 155 -47.53 22.05 -8.62
CA TYR B 155 -46.51 21.10 -8.93
C TYR B 155 -46.96 20.18 -10.04
N LYS B 156 -45.99 19.72 -10.82
CA LYS B 156 -46.23 18.86 -11.98
C LYS B 156 -46.90 17.55 -11.68
N LYS B 157 -47.62 17.07 -12.68
CA LYS B 157 -48.30 15.78 -12.59
C LYS B 157 -47.49 14.59 -13.07
N ASN B 158 -46.23 14.79 -13.46
CA ASN B 158 -45.43 13.62 -13.86
C ASN B 158 -44.84 12.95 -12.63
N ILE B 159 -45.74 12.49 -11.80
CA ILE B 159 -45.49 11.85 -10.53
C ILE B 159 -46.51 10.75 -10.37
N VAL B 160 -46.20 9.75 -9.58
CA VAL B 160 -47.20 8.73 -9.37
C VAL B 160 -47.46 8.47 -7.91
N ILE B 161 -48.71 8.48 -7.52
CA ILE B 161 -48.99 8.19 -6.14
C ILE B 161 -49.68 6.86 -6.03
N ARG B 162 -49.14 6.02 -5.18
CA ARG B 162 -49.67 4.69 -4.95
C ARG B 162 -49.71 4.39 -3.48
N LYS B 163 -50.48 3.40 -3.10
CA LYS B 163 -50.52 3.00 -1.70
C LYS B 163 -50.26 1.52 -1.57
N ALA B 164 -49.89 1.06 -0.38
CA ALA B 164 -49.72 -0.39 -0.22
C ALA B 164 -49.94 -0.91 1.19
N GLU B 165 -50.26 -2.20 1.23
CA GLU B 165 -50.45 -2.97 2.44
C GLU B 165 -49.17 -3.67 2.88
N THR B 166 -48.13 -3.48 2.10
CA THR B 166 -46.86 -4.16 2.32
C THR B 166 -45.79 -3.30 2.93
N ILE B 167 -46.08 -2.03 3.23
CA ILE B 167 -45.06 -1.16 3.77
C ILE B 167 -45.54 -0.48 5.04
N GLN B 168 -44.59 0.05 5.81
CA GLN B 168 -44.88 0.74 7.07
C GLN B 168 -44.69 2.25 7.01
N SER B 169 -43.87 2.70 6.08
CA SER B 169 -43.53 4.09 5.98
C SER B 169 -43.23 4.33 4.51
N PRO B 170 -43.29 5.58 4.02
CA PRO B 170 -43.17 5.96 2.64
C PRO B 170 -41.90 5.53 1.97
N ILE B 171 -42.03 5.16 0.71
CA ILE B 171 -40.90 4.74 -0.11
C ILE B 171 -40.95 5.37 -1.50
N THR B 172 -39.82 5.89 -1.99
CA THR B 172 -39.88 6.39 -3.37
C THR B 172 -39.36 5.39 -4.40
N PHE B 173 -39.81 5.52 -5.64
CA PHE B 173 -39.39 4.66 -6.74
C PHE B 173 -39.18 5.48 -8.00
N TRP B 174 -38.30 5.05 -8.87
CA TRP B 174 -38.20 5.83 -10.08
C TRP B 174 -39.03 5.36 -11.27
N TYR B 175 -38.56 4.36 -11.99
CA TYR B 175 -39.21 3.83 -13.20
C TYR B 175 -39.60 4.84 -14.27
N GLY B 176 -39.11 6.06 -14.16
CA GLY B 176 -39.45 7.13 -15.09
C GLY B 176 -40.79 7.72 -14.69
N LYS B 177 -41.31 7.26 -13.56
CA LYS B 177 -42.59 7.63 -13.05
C LYS B 177 -42.53 8.50 -11.82
N TYR B 178 -41.51 8.28 -10.97
CA TYR B 178 -41.38 9.00 -9.72
C TYR B 178 -42.54 8.67 -8.84
N ILE B 179 -42.56 7.44 -8.37
CA ILE B 179 -43.66 6.98 -7.59
C ILE B 179 -43.40 7.15 -6.13
N ILE B 180 -44.41 7.61 -5.45
CA ILE B 180 -44.35 7.71 -4.03
C ILE B 180 -45.32 6.70 -3.47
N LEU B 181 -44.80 5.69 -2.77
CA LEU B 181 -45.70 4.67 -2.26
C LEU B 181 -45.88 4.94 -0.80
N ILE B 182 -47.11 5.04 -0.39
CA ILE B 182 -47.46 5.37 0.97
C ILE B 182 -48.22 4.23 1.64
N PRO B 183 -47.87 3.80 2.84
CA PRO B 183 -48.57 2.74 3.49
C PRO B 183 -50.01 3.15 3.56
N SER B 184 -50.88 2.21 3.29
CA SER B 184 -52.32 2.43 3.21
C SER B 184 -52.92 2.96 4.50
N SER B 185 -52.24 2.76 5.60
CA SER B 185 -52.72 3.22 6.89
C SER B 185 -52.69 4.72 7.01
N TYR B 186 -51.93 5.38 6.14
CA TYR B 186 -51.79 6.82 6.28
C TYR B 186 -52.94 7.47 5.56
N PHE B 187 -53.79 6.66 4.95
CA PHE B 187 -54.94 7.17 4.26
C PHE B 187 -56.12 7.03 5.19
N LYS B 188 -55.85 6.59 6.41
CA LYS B 188 -56.85 6.49 7.43
C LYS B 188 -56.46 7.56 8.43
N SER B 189 -55.16 7.60 8.75
CA SER B 189 -54.60 8.60 9.64
C SER B 189 -54.31 9.87 8.85
N VAL B 190 -55.38 10.53 8.44
CA VAL B 190 -55.32 11.71 7.57
C VAL B 190 -55.77 13.00 8.25
N ILE B 191 -55.77 13.00 9.57
CA ILE B 191 -56.20 14.15 10.35
C ILE B 191 -55.13 14.69 11.32
N ASP B 192 -53.86 14.45 11.01
CA ASP B 192 -52.73 14.89 11.82
C ASP B 192 -51.63 15.58 11.00
N LYS B 193 -51.94 15.89 9.75
CA LYS B 193 -51.03 16.50 8.80
C LYS B 193 -49.79 15.68 8.51
N ARG B 194 -49.77 14.39 8.86
CA ARG B 194 -48.55 13.67 8.58
C ARG B 194 -48.31 13.62 7.11
N LEU B 195 -49.39 13.51 6.33
CA LEU B 195 -49.25 13.46 4.90
C LEU B 195 -48.70 14.76 4.39
N LYS B 196 -49.04 15.87 5.01
CA LYS B 196 -48.56 17.12 4.49
C LYS B 196 -47.07 17.07 4.43
N TYR B 197 -46.49 16.61 5.52
CA TYR B 197 -45.07 16.57 5.57
C TYR B 197 -44.50 15.48 4.72
N ILE B 198 -45.12 14.34 4.71
CA ILE B 198 -44.60 13.23 3.97
C ILE B 198 -44.55 13.50 2.51
N ILE B 199 -45.65 14.00 2.00
CA ILE B 199 -45.71 14.23 0.60
C ILE B 199 -44.79 15.31 0.22
N LEU B 200 -44.78 16.43 0.94
CA LEU B 200 -43.90 17.48 0.49
C LEU B 200 -42.48 17.00 0.52
N HIS B 201 -42.13 16.24 1.53
CA HIS B 201 -40.79 15.77 1.67
C HIS B 201 -40.40 14.84 0.54
N GLU B 202 -41.19 13.78 0.37
CA GLU B 202 -40.90 12.81 -0.72
C GLU B 202 -41.09 13.52 -2.06
N TYR B 203 -42.07 14.41 -2.14
CA TYR B 203 -42.29 15.12 -3.37
C TYR B 203 -41.05 15.85 -3.73
N ALA B 204 -40.45 16.56 -2.79
CA ALA B 204 -39.27 17.31 -3.11
C ALA B 204 -38.22 16.40 -3.69
N HIS B 205 -38.08 15.22 -3.15
CA HIS B 205 -37.11 14.32 -3.71
C HIS B 205 -37.51 14.06 -5.16
N ALA B 206 -38.80 13.85 -5.40
CA ALA B 206 -39.22 13.64 -6.76
C ALA B 206 -38.96 14.86 -7.64
N LYS B 207 -39.20 16.05 -7.13
CA LYS B 207 -39.08 17.27 -7.89
C LYS B 207 -37.70 17.42 -8.43
N ASN B 208 -36.74 17.08 -7.60
CA ASN B 208 -35.36 17.21 -7.95
C ASN B 208 -34.80 15.96 -8.57
N ARG B 209 -35.66 14.99 -8.83
CA ARG B 209 -35.28 13.73 -9.40
C ARG B 209 -34.21 13.07 -8.57
N ASP B 210 -34.31 13.20 -7.25
CA ASP B 210 -33.31 12.64 -6.39
C ASP B 210 -33.22 11.17 -6.51
N THR B 211 -34.36 10.51 -6.68
CA THR B 211 -34.32 9.06 -6.73
C THR B 211 -33.53 8.67 -7.93
N LEU B 212 -33.81 9.30 -9.05
CA LEU B 212 -33.07 8.96 -10.24
C LEU B 212 -31.62 9.23 -10.09
N HIS B 213 -31.28 10.38 -9.58
CA HIS B 213 -29.89 10.69 -9.50
C HIS B 213 -29.23 9.72 -8.57
N LEU B 214 -29.91 9.39 -7.49
CA LEU B 214 -29.38 8.46 -6.54
C LEU B 214 -29.06 7.20 -7.27
N ILE B 215 -30.01 6.71 -8.07
CA ILE B 215 -29.79 5.49 -8.79
C ILE B 215 -28.63 5.63 -9.68
N ILE B 216 -28.51 6.72 -10.40
CA ILE B 216 -27.39 6.87 -11.27
C ILE B 216 -26.11 6.78 -10.51
N PHE B 217 -26.01 7.48 -9.39
CA PHE B 217 -24.80 7.41 -8.62
C PHE B 217 -24.60 6.00 -8.13
N ASN B 218 -25.68 5.36 -7.72
CA ASN B 218 -25.61 4.01 -7.22
C ASN B 218 -25.05 3.12 -8.30
N ILE B 219 -25.48 3.31 -9.53
CA ILE B 219 -24.93 2.52 -10.61
C ILE B 219 -23.47 2.81 -10.74
N PHE B 220 -23.12 4.07 -10.69
CA PHE B 220 -21.74 4.37 -10.78
C PHE B 220 -20.93 3.87 -9.63
N SER B 221 -21.52 3.69 -8.46
CA SER B 221 -20.75 3.18 -7.35
C SER B 221 -20.31 1.75 -7.65
N ILE B 222 -20.95 1.12 -8.62
CA ILE B 222 -20.60 -0.21 -9.00
C ILE B 222 -19.50 -0.02 -9.99
N ILE B 223 -19.75 0.82 -10.97
CA ILE B 223 -18.80 0.99 -12.03
C ILE B 223 -17.43 1.40 -11.49
N MET B 224 -17.46 2.31 -10.56
CA MET B 224 -16.30 2.87 -9.94
C MET B 224 -16.04 2.35 -8.54
N SER B 225 -16.46 1.12 -8.26
CA SER B 225 -16.35 0.47 -6.96
C SER B 225 -14.95 0.38 -6.40
N TYR B 226 -13.96 0.52 -7.24
CA TYR B 226 -12.57 0.47 -6.84
C TYR B 226 -12.22 1.62 -5.93
N ASN B 227 -13.03 2.67 -5.98
CA ASN B 227 -12.82 3.86 -5.20
C ASN B 227 -13.84 3.93 -4.10
N PRO B 228 -13.51 3.65 -2.85
CA PRO B 228 -14.46 3.64 -1.75
C PRO B 228 -15.17 4.99 -1.58
N LEU B 229 -14.59 6.06 -2.10
CA LEU B 229 -15.22 7.34 -1.95
C LEU B 229 -16.52 7.43 -2.69
N VAL B 230 -16.80 6.49 -3.57
CA VAL B 230 -18.06 6.54 -4.25
C VAL B 230 -19.16 6.29 -3.25
N HIS B 231 -18.87 5.51 -2.21
CA HIS B 231 -19.85 5.24 -1.21
C HIS B 231 -19.90 6.41 -0.30
N ILE B 232 -18.76 7.01 -0.10
CA ILE B 232 -18.79 8.13 0.80
C ILE B 232 -19.62 9.21 0.19
N VAL B 233 -19.43 9.47 -1.09
CA VAL B 233 -20.18 10.53 -1.64
C VAL B 233 -21.63 10.12 -1.76
N LYS B 234 -21.99 8.87 -2.10
CA LYS B 234 -23.43 8.64 -2.22
C LYS B 234 -24.05 8.93 -0.87
N ARG B 235 -23.34 8.63 0.21
CA ARG B 235 -23.92 8.88 1.49
C ARG B 235 -24.06 10.37 1.72
N LYS B 236 -23.04 11.14 1.38
CA LYS B 236 -23.10 12.56 1.61
C LYS B 236 -24.20 13.17 0.80
N ILE B 237 -24.39 12.66 -0.40
CA ILE B 237 -25.40 13.15 -1.27
C ILE B 237 -26.72 12.91 -0.65
N ILE B 238 -26.94 11.71 -0.18
CA ILE B 238 -28.19 11.36 0.42
C ILE B 238 -28.46 12.22 1.61
N HIS B 239 -27.46 12.43 2.44
CA HIS B 239 -27.67 13.26 3.61
C HIS B 239 -28.12 14.63 3.15
N ASP B 240 -27.42 15.17 2.17
CA ASP B 240 -27.76 16.49 1.72
C ASP B 240 -29.04 16.51 0.95
N ASN B 241 -29.40 15.43 0.29
CA ASN B 241 -30.65 15.43 -0.43
C ASN B 241 -31.76 15.59 0.58
N GLU B 242 -31.63 14.89 1.70
CA GLU B 242 -32.65 15.00 2.71
C GLU B 242 -32.65 16.43 3.23
N VAL B 243 -31.48 17.06 3.33
CA VAL B 243 -31.44 18.45 3.76
C VAL B 243 -32.13 19.36 2.79
N GLU B 244 -31.88 19.20 1.51
CA GLU B 244 -32.53 20.06 0.58
C GLU B 244 -34.01 19.87 0.64
N ALA B 245 -34.44 18.62 0.83
CA ALA B 245 -35.85 18.41 0.95
C ALA B 245 -36.36 19.15 2.15
N ASP B 246 -35.63 19.12 3.25
CA ASP B 246 -36.11 19.85 4.41
C ASP B 246 -36.22 21.33 4.09
N ARG B 247 -35.24 21.87 3.36
CA ARG B 247 -35.29 23.27 3.02
C ARG B 247 -36.55 23.57 2.24
N PHE B 248 -36.83 22.71 1.28
CA PHE B 248 -38.02 22.81 0.49
C PHE B 248 -39.21 22.80 1.36
N VAL B 249 -39.28 21.85 2.25
CA VAL B 249 -40.46 21.79 3.05
C VAL B 249 -40.62 23.05 3.81
N LEU B 250 -39.57 23.56 4.42
CA LEU B 250 -39.74 24.80 5.16
C LEU B 250 -40.24 25.88 4.23
N ASN B 251 -39.72 25.92 3.01
CA ASN B 251 -40.17 26.91 2.05
C ASN B 251 -41.66 26.75 1.75
N ASN B 252 -42.16 25.53 1.86
CA ASN B 252 -43.53 25.21 1.59
C ASN B 252 -44.44 25.13 2.83
N ILE B 253 -43.97 25.51 4.02
CA ILE B 253 -44.86 25.45 5.19
C ILE B 253 -44.83 26.75 6.01
N ASN B 254 -45.82 26.94 6.87
CA ASN B 254 -45.86 28.10 7.75
C ASN B 254 -44.76 28.05 8.78
N LYS B 255 -44.22 29.20 9.12
CA LYS B 255 -43.19 29.24 10.14
C LYS B 255 -43.62 28.62 11.47
N ASN B 256 -44.90 28.65 11.80
CA ASN B 256 -45.29 28.10 13.08
C ASN B 256 -45.50 26.60 13.03
N GLU B 257 -45.19 26.00 11.90
CA GLU B 257 -45.25 24.58 11.69
C GLU B 257 -43.84 24.01 11.61
N PHE B 258 -42.82 24.85 11.69
CA PHE B 258 -41.47 24.34 11.55
C PHE B 258 -41.16 23.35 12.66
N LYS B 259 -41.59 23.68 13.86
CA LYS B 259 -41.36 22.83 15.01
C LYS B 259 -42.04 21.50 14.81
N THR B 260 -43.28 21.57 14.35
CA THR B 260 -44.08 20.41 14.12
C THR B 260 -43.39 19.50 13.15
N TYR B 261 -42.86 20.08 12.08
CA TYR B 261 -42.15 19.30 11.10
C TYR B 261 -41.00 18.56 11.73
N ALA B 262 -40.18 19.25 12.50
CA ALA B 262 -39.07 18.54 13.10
C ALA B 262 -39.57 17.40 13.98
N GLU B 263 -40.66 17.64 14.72
CA GLU B 263 -41.19 16.58 15.56
C GLU B 263 -41.66 15.43 14.72
N SER B 264 -42.29 15.74 13.59
CA SER B 264 -42.79 14.77 12.65
C SER B 264 -41.64 13.94 12.13
N ILE B 265 -40.52 14.58 11.82
CA ILE B 265 -39.40 13.82 11.34
C ILE B 265 -39.02 12.84 12.39
N MET B 266 -38.94 13.28 13.64
CA MET B 266 -38.59 12.31 14.64
C MET B 266 -39.64 11.21 14.78
N ASP B 267 -40.92 11.53 14.72
CA ASP B 267 -41.94 10.50 14.86
C ASP B 267 -41.83 9.45 13.78
N SER B 268 -41.45 9.88 12.56
CA SER B 268 -41.35 9.03 11.38
C SER B 268 -40.29 7.95 11.52
N VAL B 269 -39.40 8.12 12.48
CA VAL B 269 -38.36 7.15 12.73
C VAL B 269 -38.64 6.48 14.08
N LEU B 270 -38.96 7.25 15.10
CA LEU B 270 -39.19 6.68 16.41
C LEU B 270 -40.25 5.61 16.46
N ASN B 271 -41.33 5.83 15.76
CA ASN B 271 -42.45 4.94 15.84
C ASN B 271 -42.44 3.82 14.85
N VAL B 272 -41.32 3.61 14.17
CA VAL B 272 -41.27 2.55 13.21
C VAL B 272 -40.07 1.64 13.40
N PRO B 273 -40.11 0.43 12.84
CA PRO B 273 -38.98 -0.46 12.70
C PRO B 273 -38.03 0.22 11.75
N PHE B 274 -36.75 0.05 11.94
CA PHE B 274 -35.78 0.68 11.08
C PHE B 274 -34.93 -0.25 10.30
N PHE B 275 -35.19 -0.37 9.03
CA PHE B 275 -34.42 -1.30 8.23
C PHE B 275 -34.08 -0.72 6.87
N ASN B 276 -32.86 -0.99 6.42
CA ASN B 276 -32.42 -0.58 5.10
C ASN B 276 -32.90 -1.59 4.09
N LYS B 277 -34.21 -1.65 3.95
CA LYS B 277 -34.91 -2.60 3.10
C LYS B 277 -34.51 -2.45 1.64
N ASN B 278 -34.06 -1.26 1.29
CA ASN B 278 -33.65 -0.93 -0.03
C ASN B 278 -32.58 0.13 0.06
N ILE B 279 -31.68 0.14 -0.92
CA ILE B 279 -30.62 1.13 -0.93
C ILE B 279 -30.77 2.12 -2.06
N LEU B 280 -31.89 2.07 -2.72
CA LEU B 280 -32.13 2.94 -3.83
C LEU B 280 -33.19 3.95 -3.48
N SER B 281 -34.21 3.50 -2.81
CA SER B 281 -35.29 4.37 -2.46
C SER B 281 -35.04 5.23 -1.25
N HIS B 282 -35.76 6.34 -1.16
CA HIS B 282 -35.74 7.12 0.06
C HIS B 282 -36.81 6.63 0.99
N SER B 283 -36.55 6.79 2.28
CA SER B 283 -37.49 6.44 3.34
C SER B 283 -37.11 7.21 4.60
N ALA B 284 -37.97 7.19 5.63
CA ALA B 284 -37.68 7.86 6.91
C ALA B 284 -36.45 7.28 7.62
N ASN B 285 -36.31 5.98 7.56
CA ASN B 285 -35.23 5.30 8.26
C ASN B 285 -33.99 5.29 7.38
N GLY B 286 -33.42 6.47 7.21
CA GLY B 286 -32.35 6.67 6.25
C GLY B 286 -30.93 6.24 6.60
N LYS B 287 -30.66 5.80 7.84
CA LYS B 287 -29.27 5.44 8.13
C LYS B 287 -29.12 4.54 9.34
N LYS B 288 -28.00 3.81 9.39
CA LYS B 288 -27.69 2.97 10.53
C LYS B 288 -27.19 3.79 11.73
N SER B 289 -28.10 4.53 12.32
CA SER B 289 -27.80 5.41 13.43
C SER B 289 -27.69 4.69 14.77
N LEU B 290 -27.15 5.37 15.75
CA LEU B 290 -27.11 4.77 17.06
C LEU B 290 -28.49 4.65 17.63
N LEU B 291 -29.31 5.66 17.38
CA LEU B 291 -30.65 5.64 17.90
C LEU B 291 -31.35 4.46 17.31
N LYS B 292 -31.14 4.21 16.03
CA LYS B 292 -31.77 3.06 15.42
C LYS B 292 -31.57 1.84 16.27
N ARG B 293 -30.31 1.56 16.58
CA ARG B 293 -30.00 0.37 17.32
C ARG B 293 -30.63 0.39 18.70
N ARG B 294 -30.51 1.51 19.38
CA ARG B 294 -31.01 1.59 20.73
C ARG B 294 -32.51 1.44 20.80
N LEU B 295 -33.19 2.07 19.89
CA LEU B 295 -34.61 2.05 19.95
C LEU B 295 -35.16 0.70 19.63
N ILE B 296 -34.52 0.00 18.71
CA ILE B 296 -34.98 -1.33 18.44
C ILE B 296 -34.80 -2.18 19.66
N ASN B 297 -33.65 -2.08 20.31
CA ASN B 297 -33.43 -2.91 21.46
C ASN B 297 -34.50 -2.68 22.50
N ILE B 298 -34.96 -1.44 22.63
CA ILE B 298 -36.01 -1.19 23.59
C ILE B 298 -37.29 -1.84 23.11
N LYS B 299 -37.63 -1.69 21.84
CA LYS B 299 -38.86 -2.32 21.38
C LYS B 299 -38.81 -3.81 21.67
N GLU B 300 -37.65 -4.42 21.44
CA GLU B 300 -37.46 -5.83 21.72
C GLU B 300 -37.03 -5.95 23.17
N ALA B 301 -37.94 -5.59 24.06
CA ALA B 301 -37.65 -5.51 25.49
C ALA B 301 -37.68 -6.87 26.14
N ASN B 302 -36.73 -7.70 25.78
CA ASN B 302 -36.61 -9.02 26.34
C ASN B 302 -35.60 -8.96 27.48
N LEU B 303 -36.08 -8.81 28.70
CA LEU B 303 -35.22 -8.59 29.85
C LEU B 303 -34.67 -9.88 30.42
N LYS B 304 -33.91 -10.56 29.60
CA LYS B 304 -33.33 -11.83 29.97
C LYS B 304 -31.89 -11.67 30.38
N LYS B 305 -31.53 -12.18 31.55
CA LYS B 305 -30.15 -12.13 31.95
C LYS B 305 -29.43 -13.27 31.26
N GLN B 306 -28.42 -12.95 30.48
CA GLN B 306 -27.71 -13.99 29.79
C GLN B 306 -26.86 -14.70 30.80
N SER B 307 -26.57 -15.97 30.58
CA SER B 307 -25.68 -16.67 31.50
C SER B 307 -24.31 -16.07 31.52
N LYS B 308 -23.72 -16.04 32.70
CA LYS B 308 -22.37 -15.54 32.86
C LYS B 308 -21.37 -16.39 32.07
N LEU B 309 -21.76 -17.63 31.82
CA LEU B 309 -20.90 -18.59 31.18
C LEU B 309 -20.73 -18.27 29.72
N ILE B 310 -21.62 -17.46 29.18
CA ILE B 310 -21.57 -17.14 27.79
C ILE B 310 -20.30 -16.40 27.52
N LEU B 311 -20.05 -15.42 28.35
CA LEU B 311 -18.89 -14.60 28.15
C LEU B 311 -17.72 -15.17 28.81
N ILE B 312 -17.90 -16.01 29.81
CA ILE B 312 -16.71 -16.61 30.32
C ILE B 312 -16.11 -17.38 29.17
N PHE B 313 -16.94 -18.16 28.47
CA PHE B 313 -16.43 -18.87 27.33
C PHE B 313 -15.89 -17.94 26.29
N ILE B 314 -16.66 -16.96 25.87
CA ILE B 314 -16.14 -16.17 24.79
C ILE B 314 -14.88 -15.46 25.17
N CYS B 315 -14.83 -14.90 26.35
CA CYS B 315 -13.68 -14.17 26.75
C CYS B 315 -12.46 -15.06 26.84
N ILE B 316 -12.60 -16.26 27.40
CA ILE B 316 -11.41 -17.09 27.48
C ILE B 316 -11.05 -17.61 26.13
N PHE B 317 -12.04 -17.95 25.34
CA PHE B 317 -11.80 -18.45 24.04
C PHE B 317 -11.05 -17.40 23.26
N THR B 318 -11.59 -16.20 23.27
CA THR B 318 -10.99 -15.11 22.55
C THR B 318 -9.59 -14.90 23.07
N PHE B 319 -9.42 -14.95 24.38
CA PHE B 319 -8.10 -14.83 24.94
C PHE B 319 -7.19 -15.86 24.34
N LEU B 320 -7.60 -17.10 24.33
CA LEU B 320 -6.79 -18.15 23.77
C LEU B 320 -6.53 -17.90 22.31
N LEU B 321 -7.46 -17.30 21.61
CA LEU B 321 -7.22 -16.96 20.22
C LEU B 321 -6.18 -15.86 20.15
N MET B 322 -6.16 -14.97 21.14
CA MET B 322 -5.14 -13.95 21.22
C MET B 322 -3.84 -14.66 21.46
N VAL B 323 -3.87 -15.69 22.30
CA VAL B 323 -2.68 -16.45 22.56
C VAL B 323 -2.23 -17.02 21.24
N ILE B 324 -3.15 -17.51 20.45
CA ILE B 324 -2.77 -18.03 19.17
C ILE B 324 -2.06 -16.95 18.41
N GLN B 325 -2.56 -15.73 18.40
CA GLN B 325 -1.76 -14.69 17.76
C GLN B 325 -0.39 -14.53 18.43
N SER B 326 -0.29 -14.78 19.73
CA SER B 326 0.98 -14.66 20.44
C SER B 326 1.90 -15.84 20.13
N GLN B 327 1.38 -16.86 19.47
CA GLN B 327 2.18 -18.00 19.11
C GLN B 327 2.95 -17.71 17.83
N PHE B 328 2.60 -16.60 17.19
CA PHE B 328 3.09 -16.22 15.90
C PHE B 328 4.20 -15.19 15.92
N LEU B 329 4.69 -14.90 14.73
CA LEU B 329 5.76 -13.94 14.55
C LEU B 329 5.40 -12.60 15.16
N MET B 330 6.35 -12.10 15.92
CA MET B 330 6.31 -10.83 16.60
C MET B 330 7.73 -10.31 16.47
N GLY B 331 7.99 -9.04 16.72
CA GLY B 331 9.37 -8.63 16.63
C GLY B 331 9.94 -8.55 18.02
N GLN B 332 11.22 -8.27 18.10
CA GLN B 332 11.82 -8.10 19.40
C GLN B 332 12.84 -6.99 19.28
N SER B 333 12.84 -6.01 20.19
CA SER B 333 13.84 -4.96 20.11
C SER B 333 15.23 -5.56 20.25
N ILE B 334 15.29 -6.64 21.01
CA ILE B 334 16.49 -7.39 21.29
C ILE B 334 17.06 -7.99 20.02
N THR B 335 16.20 -8.45 19.11
CA THR B 335 16.62 -9.02 17.84
C THR B 335 17.16 -7.91 16.98
N ASP B 336 16.44 -6.78 16.96
CA ASP B 336 16.86 -5.62 16.20
C ASP B 336 18.20 -5.08 16.70
N TYR B 337 18.43 -5.21 18.00
CA TYR B 337 19.63 -4.77 18.70
C TYR B 337 20.89 -5.54 18.36
N ASN B 338 21.97 -4.85 18.67
CA ASN B 338 23.35 -5.25 18.53
C ASN B 338 23.79 -6.12 19.70
N TYR B 339 25.04 -6.58 19.73
CA TYR B 339 25.44 -7.42 20.85
C TYR B 339 25.28 -6.56 22.10
N LYS B 340 24.23 -6.83 22.88
CA LYS B 340 23.91 -6.07 24.10
C LYS B 340 24.59 -6.74 25.28
N LYS B 341 25.13 -7.88 24.97
CA LYS B 341 25.75 -8.78 25.89
C LYS B 341 27.13 -8.26 26.27
N PRO B 342 27.64 -8.59 27.44
CA PRO B 342 28.97 -8.29 27.88
C PRO B 342 29.94 -9.23 27.21
N LEU B 343 31.19 -8.85 27.18
CA LEU B 343 32.22 -9.78 26.76
C LEU B 343 32.73 -10.49 28.01
N HIS B 344 32.69 -11.82 27.99
CA HIS B 344 33.09 -12.63 29.13
C HIS B 344 34.60 -12.73 29.30
N ASN B 345 35.31 -12.31 28.30
CA ASN B 345 36.76 -12.32 28.29
C ASN B 345 37.33 -10.99 28.68
N ASP B 346 38.55 -11.01 29.18
CA ASP B 346 39.27 -9.79 29.48
C ASP B 346 39.56 -9.03 28.20
N TYR B 347 39.54 -7.69 28.24
CA TYR B 347 39.87 -6.98 27.02
C TYR B 347 40.36 -5.57 27.25
N GLN B 348 40.96 -5.03 26.21
CA GLN B 348 41.46 -3.67 26.11
C GLN B 348 40.76 -2.92 24.99
N ILE B 349 40.46 -1.66 25.22
CA ILE B 349 39.87 -0.83 24.19
C ILE B 349 40.96 -0.04 23.46
N LEU B 350 40.88 -0.05 22.14
CA LEU B 350 41.82 0.55 21.20
C LEU B 350 41.36 1.87 20.59
N ASP B 351 42.32 2.63 20.05
CA ASP B 351 42.03 3.84 19.28
C ASP B 351 42.85 3.81 18.01
N LYS B 352 42.15 3.48 16.94
CA LYS B 352 42.69 3.25 15.62
C LYS B 352 41.99 4.15 14.63
N SER B 353 41.44 5.24 15.13
CA SER B 353 40.66 6.14 14.30
C SER B 353 41.45 6.75 13.14
N LYS B 354 42.78 6.89 13.30
CA LYS B 354 43.63 7.42 12.26
C LYS B 354 43.68 6.51 11.04
N ILE B 355 43.67 5.20 11.27
CA ILE B 355 43.78 4.25 10.19
C ILE B 355 42.44 4.15 9.50
N PHE B 356 41.36 4.07 10.29
CA PHE B 356 40.06 4.02 9.65
C PHE B 356 39.93 5.24 8.78
N GLY B 357 40.29 6.40 9.33
CA GLY B 357 40.38 7.56 8.53
C GLY B 357 39.10 7.82 7.81
N SER B 358 39.22 7.86 6.50
CA SER B 358 38.15 8.12 5.55
C SER B 358 37.03 7.09 5.55
N ASN B 359 37.26 5.91 6.13
CA ASN B 359 36.22 4.90 6.14
C ASN B 359 35.93 4.46 7.56
N SER B 360 35.19 5.28 8.30
CA SER B 360 34.90 4.98 9.71
C SER B 360 34.22 3.64 9.89
N GLY B 361 34.55 2.97 11.00
CA GLY B 361 34.03 1.67 11.33
C GLY B 361 34.43 1.20 12.73
N SER B 362 34.67 -0.11 12.82
CA SER B 362 35.06 -0.79 14.05
C SER B 362 36.00 -1.97 13.81
N PHE B 363 36.70 -2.40 14.87
CA PHE B 363 37.64 -3.53 14.72
C PHE B 363 37.97 -4.35 15.97
N VAL B 364 37.93 -5.67 15.81
CA VAL B 364 38.26 -6.58 16.89
C VAL B 364 39.41 -7.52 16.62
N MET B 365 40.34 -7.59 17.57
CA MET B 365 41.45 -8.54 17.49
C MET B 365 41.48 -9.38 18.76
N TYR B 366 41.93 -10.62 18.65
CA TYR B 366 42.04 -11.50 19.81
C TYR B 366 43.31 -12.33 19.88
N SER B 367 43.91 -12.38 21.08
CA SER B 367 45.09 -13.20 21.40
C SER B 367 44.75 -14.52 22.03
N MET B 368 45.06 -15.61 21.33
CA MET B 368 44.76 -16.95 21.78
C MET B 368 45.53 -17.30 23.05
N LYS B 369 46.80 -16.89 23.11
CA LYS B 369 47.62 -17.18 24.28
C LYS B 369 47.15 -16.45 25.52
N LYS B 370 46.79 -15.18 25.37
CA LYS B 370 46.36 -14.42 26.52
C LYS B 370 44.87 -14.46 26.81
N ASP B 371 44.06 -14.96 25.87
CA ASP B 371 42.60 -14.98 26.02
C ASP B 371 42.15 -13.55 26.26
N LYS B 372 42.69 -12.67 25.44
CA LYS B 372 42.40 -11.25 25.53
C LYS B 372 41.94 -10.65 24.22
N TYR B 373 40.96 -9.77 24.32
CA TYR B 373 40.45 -9.05 23.16
C TYR B 373 40.96 -7.62 23.17
N TYR B 374 41.11 -7.10 21.97
CA TYR B 374 41.55 -5.76 21.71
C TYR B 374 40.51 -5.12 20.80
N ILE B 375 39.78 -4.14 21.32
CA ILE B 375 38.66 -3.63 20.55
C ILE B 375 38.61 -2.13 20.27
N TYR B 376 38.55 -1.78 18.99
CA TYR B 376 38.41 -0.41 18.53
C TYR B 376 36.95 -0.04 18.39
N ASN B 377 36.53 1.04 19.06
CA ASN B 377 35.13 1.46 19.06
C ASN B 377 34.23 0.32 19.45
N GLU B 378 34.35 -0.18 20.68
CA GLU B 378 33.58 -1.35 21.07
C GLU B 378 32.10 -1.21 20.81
N LYS B 379 31.53 -0.04 21.04
CA LYS B 379 30.10 0.09 20.78
C LYS B 379 29.77 -0.28 19.33
N GLU B 380 30.67 0.10 18.40
CA GLU B 380 30.49 -0.18 16.99
C GLU B 380 30.89 -1.63 16.68
N SER B 381 31.88 -2.15 17.41
CA SER B 381 32.38 -3.53 17.20
C SER B 381 31.29 -4.53 17.46
N ARG B 382 30.45 -4.19 18.42
CA ARG B 382 29.34 -5.00 18.82
C ARG B 382 28.14 -4.88 17.87
N LYS B 383 28.21 -3.99 16.87
CA LYS B 383 27.09 -3.87 15.97
C LYS B 383 27.06 -5.03 15.02
N ARG B 384 25.86 -5.54 14.77
CA ARG B 384 25.72 -6.69 13.90
C ARG B 384 25.41 -6.32 12.46
N TYR B 385 26.13 -6.94 11.55
CA TYR B 385 25.90 -6.70 10.14
C TYR B 385 25.78 -8.01 9.40
N SER B 386 25.12 -8.01 8.26
CA SER B 386 25.04 -9.23 7.48
C SER B 386 26.50 -9.51 7.06
N PRO B 387 27.04 -10.75 7.16
CA PRO B 387 28.41 -11.21 6.78
C PRO B 387 28.87 -11.07 5.33
N ASN B 388 27.91 -11.01 4.42
CA ASN B 388 28.16 -10.92 3.00
C ASN B 388 28.97 -12.16 2.62
N SER B 389 29.90 -12.03 1.69
CA SER B 389 30.64 -13.15 1.17
C SER B 389 31.58 -13.77 2.17
N THR B 390 31.82 -13.13 3.29
CA THR B 390 32.76 -13.76 4.18
C THR B 390 32.15 -15.01 4.80
N TYR B 391 30.81 -15.11 4.81
CA TYR B 391 30.15 -16.29 5.37
C TYR B 391 30.49 -17.53 4.62
N LYS B 392 30.88 -17.37 3.37
CA LYS B 392 31.15 -18.47 2.50
C LYS B 392 32.17 -19.40 3.08
N ILE B 393 33.01 -18.92 4.01
CA ILE B 393 33.98 -19.82 4.56
C ILE B 393 33.29 -20.85 5.41
N TYR B 394 32.17 -20.45 6.04
CA TYR B 394 31.40 -21.32 6.89
C TYR B 394 30.60 -22.21 6.02
N LEU B 395 30.08 -21.66 4.97
CA LEU B 395 29.28 -22.49 4.12
C LEU B 395 30.12 -23.61 3.53
N ALA B 396 31.28 -23.24 2.99
CA ALA B 396 32.15 -24.22 2.39
C ALA B 396 32.67 -25.22 3.40
N MET B 397 33.11 -24.77 4.58
CA MET B 397 33.68 -25.70 5.53
C MET B 397 32.60 -26.65 6.06
N PHE B 398 31.34 -26.21 6.10
CA PHE B 398 30.24 -27.07 6.53
C PHE B 398 30.08 -28.18 5.53
N GLY B 399 30.14 -27.82 4.25
CA GLY B 399 30.04 -28.82 3.20
C GLY B 399 31.16 -29.81 3.34
N LEU B 400 32.35 -29.34 3.76
CA LEU B 400 33.46 -30.26 3.90
C LEU B 400 33.21 -31.25 5.04
N ASP B 401 32.76 -30.77 6.20
CA ASP B 401 32.54 -31.67 7.34
C ASP B 401 31.42 -32.67 7.14
N ARG B 402 30.36 -32.22 6.48
CA ARG B 402 29.19 -33.03 6.24
C ARG B 402 29.40 -34.03 5.10
N HIS B 403 30.57 -33.99 4.45
CA HIS B 403 30.93 -34.83 3.32
C HIS B 403 30.06 -34.57 2.11
N ILE B 404 29.83 -33.29 1.84
CA ILE B 404 29.10 -32.83 0.68
C ILE B 404 30.13 -32.36 -0.34
N ILE B 405 31.11 -31.61 0.15
CA ILE B 405 32.20 -31.00 -0.60
C ILE B 405 33.47 -31.63 -0.06
N ASN B 406 34.45 -31.94 -0.85
CA ASN B 406 35.65 -32.48 -0.19
C ASN B 406 36.90 -31.96 -0.86
N ASP B 407 38.05 -32.59 -0.71
CA ASP B 407 39.24 -32.06 -1.35
C ASP B 407 39.31 -32.54 -2.79
N GLU B 408 39.20 -33.85 -2.96
CA GLU B 408 39.26 -34.46 -4.27
C GLU B 408 38.13 -33.91 -5.13
N ASN B 409 37.02 -33.61 -4.46
CA ASN B 409 35.83 -33.08 -5.07
C ASN B 409 35.47 -31.76 -4.42
N SER B 410 36.44 -30.84 -4.33
CA SER B 410 36.17 -29.51 -3.80
C SER B 410 35.47 -28.67 -4.86
N ARG B 411 35.44 -29.18 -6.08
CA ARG B 411 34.91 -28.54 -7.25
C ARG B 411 33.41 -28.60 -7.42
N MET B 412 32.91 -27.60 -8.16
CA MET B 412 31.50 -27.55 -8.53
C MET B 412 31.37 -27.22 -10.02
N SER B 413 30.43 -27.93 -10.67
CA SER B 413 30.09 -27.72 -12.08
C SER B 413 29.46 -26.36 -12.33
N TRP B 414 29.78 -25.76 -13.47
CA TRP B 414 29.17 -24.51 -13.91
C TRP B 414 27.90 -24.83 -14.70
N ASN B 415 26.84 -24.05 -14.50
CA ASN B 415 25.57 -24.26 -15.20
C ASN B 415 25.46 -23.49 -16.50
N HIS B 416 26.57 -22.91 -16.90
CA HIS B 416 26.75 -22.14 -18.12
C HIS B 416 25.95 -20.85 -18.15
N LYS B 417 25.43 -20.44 -16.99
CA LYS B 417 24.74 -19.19 -16.85
C LYS B 417 25.79 -18.14 -16.54
N HIS B 418 25.71 -16.98 -17.13
CA HIS B 418 26.69 -15.98 -16.76
C HIS B 418 26.33 -15.36 -15.42
N TYR B 419 27.36 -15.03 -14.68
CA TYR B 419 27.32 -14.43 -13.37
C TYR B 419 27.95 -13.02 -13.40
N PRO B 420 27.67 -12.17 -12.35
CA PRO B 420 28.11 -10.79 -12.17
C PRO B 420 29.57 -10.43 -12.47
N PHE B 421 30.53 -11.33 -12.34
CA PHE B 421 31.91 -10.97 -12.69
C PHE B 421 32.44 -11.92 -13.74
N ASP B 422 33.36 -11.46 -14.59
CA ASP B 422 33.89 -12.35 -15.62
C ASP B 422 34.61 -13.51 -14.99
N ALA B 423 35.18 -13.23 -13.85
CA ALA B 423 35.90 -14.14 -12.99
C ALA B 423 35.03 -15.31 -12.54
N TRP B 424 33.70 -15.13 -12.55
CA TRP B 424 32.79 -16.15 -12.06
C TRP B 424 32.26 -17.07 -13.17
N ASN B 425 32.50 -16.72 -14.44
CA ASN B 425 31.91 -17.47 -15.55
C ASN B 425 32.78 -18.63 -15.98
N LYS B 426 32.92 -19.57 -15.07
CA LYS B 426 33.80 -20.71 -15.22
C LYS B 426 33.47 -21.76 -14.15
N GLU B 427 33.99 -22.98 -14.32
CA GLU B 427 33.95 -24.04 -13.30
C GLU B 427 35.02 -23.74 -12.25
N GLN B 428 34.89 -24.27 -11.04
CA GLN B 428 35.97 -23.98 -10.08
C GLN B 428 36.09 -24.93 -8.90
N ASP B 429 37.28 -24.94 -8.29
CA ASP B 429 37.52 -25.67 -7.07
C ASP B 429 37.27 -24.73 -5.93
N LEU B 430 37.51 -25.18 -4.70
CA LEU B 430 37.31 -24.30 -3.57
C LEU B 430 38.33 -23.17 -3.53
N ASN B 431 39.60 -23.40 -3.87
CA ASN B 431 40.55 -22.30 -3.72
C ASN B 431 40.20 -21.21 -4.71
N THR B 432 39.90 -21.58 -5.94
CA THR B 432 39.55 -20.59 -6.93
C THR B 432 38.26 -19.91 -6.55
N ALA B 433 37.25 -20.70 -6.15
CA ALA B 433 35.96 -20.15 -5.84
C ALA B 433 36.02 -19.16 -4.72
N MET B 434 36.82 -19.47 -3.71
CA MET B 434 36.92 -18.59 -2.59
C MET B 434 37.72 -17.35 -2.98
N GLN B 435 38.83 -17.52 -3.69
CA GLN B 435 39.70 -16.40 -4.06
C GLN B 435 38.97 -15.41 -4.97
N ASN B 436 38.11 -15.91 -5.84
CA ASN B 436 37.36 -15.02 -6.71
C ASN B 436 35.91 -14.84 -6.27
N SER B 437 35.54 -15.21 -5.04
CA SER B 437 34.16 -15.06 -4.56
C SER B 437 33.08 -15.56 -5.54
N VAL B 438 33.25 -16.74 -6.10
CA VAL B 438 32.30 -17.12 -7.11
C VAL B 438 30.99 -17.53 -6.53
N ASN B 439 30.03 -16.61 -6.53
CA ASN B 439 28.73 -16.88 -5.91
C ASN B 439 28.11 -18.16 -6.43
N TRP B 440 28.21 -18.43 -7.73
CA TRP B 440 27.62 -19.66 -8.24
C TRP B 440 28.06 -20.91 -7.50
N TYR B 441 29.36 -21.01 -7.23
CA TYR B 441 29.96 -22.14 -6.57
C TYR B 441 29.25 -22.32 -5.24
N PHE B 442 29.18 -21.21 -4.52
CA PHE B 442 28.61 -21.21 -3.20
C PHE B 442 27.09 -21.40 -3.19
N GLU B 443 26.38 -20.91 -4.22
CA GLU B 443 24.94 -21.10 -4.25
C GLU B 443 24.63 -22.59 -4.31
N ARG B 444 25.39 -23.31 -5.14
CA ARG B 444 25.23 -24.75 -5.21
C ARG B 444 25.58 -25.40 -3.90
N ILE B 445 26.63 -24.92 -3.23
CA ILE B 445 26.97 -25.55 -1.97
C ILE B 445 25.80 -25.47 -1.01
N SER B 446 25.14 -24.33 -0.89
CA SER B 446 23.99 -24.28 0.02
C SER B 446 22.94 -25.30 -0.41
N ASP B 447 22.64 -25.35 -1.71
CA ASP B 447 21.65 -26.30 -2.21
C ASP B 447 22.01 -27.75 -1.92
N GLN B 448 23.31 -28.07 -1.91
CA GLN B 448 23.78 -29.44 -1.68
C GLN B 448 23.97 -29.83 -0.21
N ILE B 449 23.77 -28.92 0.75
CA ILE B 449 23.98 -29.25 2.16
C ILE B 449 22.64 -29.27 2.86
N PRO B 450 22.26 -30.34 3.56
CA PRO B 450 21.04 -30.36 4.29
C PRO B 450 21.00 -29.11 5.15
N LYS B 451 19.89 -28.40 5.12
CA LYS B 451 19.79 -27.15 5.85
C LYS B 451 19.95 -27.35 7.33
N ASN B 452 19.51 -28.50 7.83
CA ASN B 452 19.62 -28.81 9.23
C ASN B 452 21.07 -28.95 9.69
N TYR B 453 21.98 -29.36 8.79
CA TYR B 453 23.38 -29.45 9.18
C TYR B 453 23.84 -28.05 9.50
N THR B 454 23.53 -27.15 8.57
CA THR B 454 23.91 -25.75 8.72
C THR B 454 23.29 -25.15 9.96
N ALA B 455 21.99 -25.39 10.17
CA ALA B 455 21.29 -24.85 11.33
C ALA B 455 21.92 -25.35 12.62
N THR B 456 22.32 -26.63 12.63
CA THR B 456 22.95 -27.21 13.79
C THR B 456 24.23 -26.48 14.11
N GLN B 457 25.07 -26.24 13.10
CA GLN B 457 26.31 -25.52 13.34
C GLN B 457 26.03 -24.07 13.78
N LEU B 458 24.98 -23.42 13.24
CA LEU B 458 24.73 -22.03 13.64
C LEU B 458 24.48 -22.02 15.14
N LYS B 459 23.73 -23.00 15.60
CA LYS B 459 23.43 -23.09 17.00
C LYS B 459 24.63 -23.48 17.86
N GLN B 460 25.34 -24.54 17.47
CA GLN B 460 26.43 -25.08 18.29
C GLN B 460 27.56 -24.10 18.52
N LEU B 461 27.89 -23.31 17.51
CA LEU B 461 28.98 -22.40 17.63
C LEU B 461 28.60 -20.93 17.73
N ASN B 462 27.38 -20.65 18.19
CA ASN B 462 26.95 -19.28 18.45
C ASN B 462 27.07 -18.27 17.30
N TYR B 463 26.57 -18.61 16.13
CA TYR B 463 26.69 -17.72 14.98
C TYR B 463 25.80 -16.49 14.96
N GLY B 464 26.16 -15.52 15.78
CA GLY B 464 25.48 -14.24 15.85
C GLY B 464 24.03 -14.46 16.20
N ASN B 465 23.13 -13.91 15.37
CA ASN B 465 21.71 -14.10 15.68
C ASN B 465 21.22 -15.42 15.15
N LYS B 466 22.11 -16.20 14.53
CA LYS B 466 21.81 -17.53 14.01
C LYS B 466 20.58 -17.49 13.13
N ASN B 467 20.36 -16.40 12.42
CA ASN B 467 19.15 -16.30 11.65
C ASN B 467 19.33 -16.81 10.25
N LEU B 468 18.78 -17.97 9.96
CA LEU B 468 18.95 -18.60 8.66
C LEU B 468 18.00 -18.05 7.59
N GLY B 469 17.11 -17.15 7.99
CA GLY B 469 16.15 -16.55 7.08
C GLY B 469 15.29 -17.59 6.38
N SER B 470 15.20 -17.47 5.05
CA SER B 470 14.44 -18.40 4.22
C SER B 470 15.19 -18.51 2.90
N TYR B 471 16.21 -17.68 2.81
CA TYR B 471 17.08 -17.54 1.65
C TYR B 471 18.26 -18.49 1.74
N LYS B 472 18.50 -19.28 0.70
CA LYS B 472 19.58 -20.25 0.75
C LYS B 472 20.95 -19.62 1.00
N SER B 473 21.06 -18.34 0.72
CA SER B 473 22.24 -17.53 0.89
C SER B 473 21.92 -16.36 1.82
N TYR B 474 21.17 -16.65 2.87
CA TYR B 474 20.68 -15.76 3.94
C TYR B 474 21.72 -14.84 4.59
N TRP B 475 22.97 -15.16 4.44
CA TRP B 475 24.01 -14.34 5.01
C TRP B 475 24.47 -13.23 4.05
N MET B 476 24.02 -13.34 2.80
CA MET B 476 24.44 -12.45 1.76
C MET B 476 23.58 -11.22 1.71
N GLU B 477 23.86 -10.30 2.62
CA GLU B 477 23.07 -9.06 2.78
C GLU B 477 21.60 -9.40 3.01
N ASP B 478 21.38 -10.29 3.95
CA ASP B 478 20.07 -10.76 4.30
C ASP B 478 20.01 -11.04 5.81
N SER B 479 19.15 -11.95 6.23
CA SER B 479 18.78 -12.28 7.60
C SER B 479 19.87 -12.60 8.65
N LEU B 480 20.95 -13.28 8.27
CA LEU B 480 21.95 -13.60 9.29
C LEU B 480 22.81 -12.39 9.53
N LYS B 481 22.99 -12.03 10.77
CA LYS B 481 23.87 -10.92 11.10
C LYS B 481 24.75 -11.28 12.29
N ILE B 482 25.95 -10.71 12.29
CA ILE B 482 26.91 -11.00 13.34
C ILE B 482 27.77 -9.77 13.61
N SER B 483 28.17 -9.56 14.86
CA SER B 483 29.05 -8.46 15.18
C SER B 483 30.49 -8.81 14.86
N ASN B 484 31.39 -7.83 14.94
CA ASN B 484 32.79 -8.15 14.67
C ASN B 484 33.31 -8.94 15.83
N LEU B 485 32.80 -8.61 17.01
CA LEU B 485 33.22 -9.32 18.19
C LEU B 485 32.79 -10.77 18.08
N GLU B 486 31.53 -10.98 17.71
CA GLU B 486 31.02 -12.31 17.54
C GLU B 486 31.75 -13.02 16.41
N GLN B 487 32.07 -12.32 15.34
CA GLN B 487 32.77 -12.95 14.24
C GLN B 487 34.10 -13.54 14.69
N VAL B 488 34.82 -12.80 15.55
CA VAL B 488 36.10 -13.25 16.07
C VAL B 488 35.91 -14.46 16.98
N ILE B 489 34.92 -14.37 17.86
CA ILE B 489 34.64 -15.44 18.81
C ILE B 489 34.29 -16.72 18.09
N VAL B 490 33.41 -16.62 17.10
CA VAL B 490 32.97 -17.78 16.38
C VAL B 490 34.08 -18.41 15.58
N PHE B 491 34.82 -17.64 14.78
CA PHE B 491 35.86 -18.31 14.02
C PHE B 491 36.87 -18.95 14.94
N LYS B 492 37.32 -18.22 15.97
CA LYS B 492 38.29 -18.82 16.86
C LYS B 492 37.78 -20.11 17.41
N ASN B 493 36.54 -20.12 17.89
CA ASN B 493 35.98 -21.33 18.46
C ASN B 493 35.82 -22.40 17.39
N MET B 494 35.57 -22.00 16.14
CA MET B 494 35.39 -22.97 15.08
C MET B 494 36.60 -23.88 15.08
N MET B 495 37.81 -23.31 15.13
CA MET B 495 38.95 -24.21 15.10
C MET B 495 39.36 -24.72 16.49
N GLU B 496 39.35 -23.84 17.48
CA GLU B 496 39.82 -24.14 18.83
C GLU B 496 38.92 -25.06 19.65
N GLN B 497 37.61 -24.93 19.51
CA GLN B 497 36.68 -25.68 20.34
C GLN B 497 35.74 -26.63 19.61
N ASN B 498 35.31 -26.29 18.40
CA ASN B 498 34.28 -27.08 17.73
C ASN B 498 34.66 -28.57 17.67
N ASN B 499 33.86 -29.38 18.38
CA ASN B 499 34.02 -30.81 18.49
C ASN B 499 32.99 -31.56 17.66
N HIS B 500 32.37 -30.83 16.75
CA HIS B 500 31.37 -31.34 15.85
C HIS B 500 31.77 -30.89 14.46
N PHE B 501 33.07 -30.93 14.21
CA PHE B 501 33.64 -30.48 12.95
C PHE B 501 35.05 -31.06 12.80
N SER B 502 35.33 -31.73 11.68
CA SER B 502 36.63 -32.38 11.49
C SER B 502 37.81 -31.46 11.28
N LYS B 503 38.99 -32.00 11.58
CA LYS B 503 40.26 -31.32 11.38
C LYS B 503 40.53 -31.00 9.94
N LYS B 504 40.13 -31.91 9.05
CA LYS B 504 40.38 -31.68 7.65
C LYS B 504 39.60 -30.49 7.18
N ALA B 505 38.33 -30.39 7.55
CA ALA B 505 37.55 -29.25 7.10
C ALA B 505 38.17 -27.94 7.60
N LYS B 506 38.67 -27.96 8.85
CA LYS B 506 39.28 -26.79 9.46
C LYS B 506 40.50 -26.31 8.67
N ASN B 507 41.38 -27.27 8.35
CA ASN B 507 42.62 -26.95 7.66
C ASN B 507 42.45 -26.70 6.17
N GLN B 508 41.57 -27.45 5.53
CA GLN B 508 41.37 -27.27 4.11
C GLN B 508 40.88 -25.86 3.85
N LEU B 509 39.93 -25.43 4.67
CA LEU B 509 39.40 -24.10 4.54
C LEU B 509 40.50 -23.10 4.81
N SER B 510 41.25 -23.28 5.90
CA SER B 510 42.29 -22.34 6.23
C SER B 510 43.26 -22.07 5.08
N SER B 511 43.76 -23.09 4.43
CA SER B 511 44.74 -22.86 3.36
C SER B 511 44.21 -21.93 2.25
N SER B 512 42.92 -22.05 1.93
CA SER B 512 42.30 -21.25 0.86
C SER B 512 42.26 -19.73 1.16
N LEU B 513 42.48 -19.34 2.42
CA LEU B 513 42.43 -17.95 2.82
C LEU B 513 43.77 -17.23 2.93
N LEU B 514 44.91 -17.89 2.66
CA LEU B 514 46.17 -17.17 2.87
C LEU B 514 46.28 -15.90 2.03
N ILE B 515 46.68 -14.80 2.68
CA ILE B 515 46.87 -13.49 2.07
C ILE B 515 48.37 -13.25 1.85
N LYS B 516 49.12 -13.26 2.95
CA LYS B 516 50.55 -12.93 3.00
C LYS B 516 51.28 -13.65 4.11
N LYS B 517 52.60 -13.73 3.98
CA LYS B 517 53.40 -14.33 5.04
C LYS B 517 54.81 -13.75 5.12
N ASN B 518 55.44 -13.91 6.28
CA ASN B 518 56.82 -13.50 6.53
C ASN B 518 57.48 -14.39 7.61
N GLU B 519 58.57 -13.91 8.23
CA GLU B 519 59.32 -14.66 9.25
C GLU B 519 58.60 -14.79 10.61
N LYS B 520 57.51 -14.04 10.78
CA LYS B 520 56.77 -14.08 12.02
C LYS B 520 55.44 -14.79 11.86
N TYR B 521 54.82 -14.69 10.68
CA TYR B 521 53.47 -15.23 10.51
C TYR B 521 52.93 -15.54 9.13
N GLU B 522 51.78 -16.20 9.16
CA GLU B 522 50.92 -16.45 8.02
C GLU B 522 49.56 -15.79 8.27
N LEU B 523 49.22 -14.83 7.43
CA LEU B 523 47.99 -14.06 7.51
C LEU B 523 46.96 -14.60 6.57
N TYR B 524 45.80 -14.92 7.12
CA TYR B 524 44.68 -15.47 6.39
C TYR B 524 43.46 -14.59 6.52
N GLY B 525 42.63 -14.58 5.50
CA GLY B 525 41.40 -13.82 5.65
C GLY B 525 40.51 -13.84 4.44
N LYS B 526 39.41 -13.12 4.53
CA LYS B 526 38.43 -13.06 3.48
C LYS B 526 37.67 -11.74 3.48
N THR B 527 37.53 -11.13 2.30
CA THR B 527 36.75 -9.90 2.15
C THR B 527 35.36 -10.15 1.62
N GLY B 528 34.56 -9.11 1.70
CA GLY B 528 33.25 -9.09 1.10
C GLY B 528 32.69 -7.69 1.13
N THR B 529 31.90 -7.36 0.12
CA THR B 529 31.35 -6.03 0.07
C THR B 529 29.85 -6.03 0.06
N GLY B 530 29.33 -5.33 1.03
CA GLY B 530 27.92 -5.14 1.17
C GLY B 530 27.48 -4.12 0.19
N ILE B 531 27.32 -4.53 -1.07
CA ILE B 531 26.89 -3.56 -2.06
C ILE B 531 25.43 -3.83 -2.39
N VAL B 532 24.63 -2.80 -2.18
CA VAL B 532 23.19 -2.83 -2.34
C VAL B 532 22.70 -1.67 -3.20
N ASN B 533 22.04 -1.99 -4.30
CA ASN B 533 21.49 -1.05 -5.23
C ASN B 533 22.61 -0.15 -5.70
N GLY B 534 23.77 -0.78 -5.86
CA GLY B 534 25.00 -0.15 -6.33
C GLY B 534 25.82 0.62 -5.28
N LYS B 535 25.36 0.71 -4.03
CA LYS B 535 26.12 1.48 -3.02
C LYS B 535 26.77 0.62 -1.97
N TYR B 536 27.89 1.08 -1.42
CA TYR B 536 28.56 0.31 -0.39
C TYR B 536 27.96 0.58 0.97
N ASN B 537 27.67 -0.50 1.70
CA ASN B 537 27.15 -0.45 3.05
C ASN B 537 27.99 -1.22 4.08
N ASN B 538 28.61 -2.33 3.65
CA ASN B 538 29.38 -3.17 4.60
C ASN B 538 30.78 -3.54 4.13
N GLY B 539 31.77 -2.89 4.68
CA GLY B 539 33.14 -3.13 4.30
C GLY B 539 33.72 -4.27 5.07
N TRP B 540 33.42 -5.52 4.71
CA TRP B 540 33.93 -6.63 5.50
C TRP B 540 35.29 -7.17 5.15
N PHE B 541 36.02 -7.53 6.20
CA PHE B 541 37.21 -8.33 6.10
C PHE B 541 37.41 -9.08 7.38
N VAL B 542 37.55 -10.39 7.29
CA VAL B 542 37.74 -11.19 8.47
C VAL B 542 38.95 -12.05 8.32
N GLY B 543 39.47 -12.58 9.42
CA GLY B 543 40.59 -13.47 9.27
C GLY B 543 41.26 -13.84 10.57
N TYR B 544 42.47 -14.36 10.42
CA TYR B 544 43.28 -14.82 11.52
C TYR B 544 44.74 -14.83 11.13
N VAL B 545 45.58 -14.88 12.14
CA VAL B 545 47.00 -14.90 11.90
C VAL B 545 47.65 -16.00 12.70
N ILE B 546 48.46 -16.79 12.05
CA ILE B 546 49.19 -17.80 12.76
C ILE B 546 50.59 -17.30 12.84
N THR B 547 51.12 -17.09 14.05
CA THR B 547 52.45 -16.54 14.09
C THR B 547 53.34 -17.59 14.72
N ASN B 548 54.61 -17.23 14.85
CA ASN B 548 55.59 -18.11 15.43
C ASN B 548 55.69 -17.90 16.95
N HIS B 549 54.76 -17.11 17.51
CA HIS B 549 54.73 -16.87 18.95
C HIS B 549 53.31 -17.00 19.56
N ASP B 550 52.27 -16.77 18.75
CA ASP B 550 50.87 -16.74 19.18
C ASP B 550 49.93 -16.99 17.99
N LYS B 551 48.64 -17.02 18.26
CA LYS B 551 47.63 -17.12 17.23
C LYS B 551 46.62 -16.03 17.44
N TYR B 552 46.26 -15.36 16.36
CA TYR B 552 45.33 -14.26 16.52
C TYR B 552 44.13 -14.39 15.66
N TYR B 553 43.05 -13.82 16.14
CA TYR B 553 41.82 -13.82 15.39
C TYR B 553 41.30 -12.40 15.26
N PHE B 554 40.65 -12.07 14.15
CA PHE B 554 40.14 -10.72 14.03
C PHE B 554 38.97 -10.52 13.07
N ALA B 555 38.32 -9.36 13.21
CA ALA B 555 37.27 -8.94 12.28
C ALA B 555 37.19 -7.43 12.16
N THR B 556 37.14 -6.97 10.89
CA THR B 556 37.06 -5.57 10.52
C THR B 556 35.74 -5.29 9.82
N HIS B 557 35.14 -4.15 10.15
CA HIS B 557 33.95 -3.71 9.43
C HIS B 557 33.94 -2.20 9.27
N LEU B 558 33.73 -1.78 8.03
CA LEU B 558 33.63 -0.36 7.71
C LEU B 558 32.17 -0.03 7.45
N SER B 559 31.73 1.14 7.90
CA SER B 559 30.35 1.52 7.58
C SER B 559 30.28 2.84 6.84
N ASP B 560 31.28 3.69 7.02
CA ASP B 560 31.28 5.00 6.42
C ASP B 560 32.27 5.08 5.28
N GLY B 561 32.36 6.24 4.64
CA GLY B 561 33.26 6.46 3.51
C GLY B 561 32.85 5.56 2.39
N LYS B 562 33.77 4.71 2.00
CA LYS B 562 33.60 3.76 0.95
C LYS B 562 33.84 2.42 1.59
N PRO B 563 32.85 1.87 2.32
CA PRO B 563 32.96 0.68 3.10
C PRO B 563 32.96 -0.54 2.20
N SER B 564 34.04 -0.70 1.46
CA SER B 564 34.21 -1.84 0.58
C SER B 564 35.03 -2.91 1.28
N GLY B 565 34.94 -4.14 0.78
CA GLY B 565 35.72 -5.26 1.28
C GLY B 565 37.21 -5.03 1.09
N LYS B 566 37.59 -4.35 0.00
CA LYS B 566 38.99 -4.11 -0.23
C LYS B 566 39.54 -3.15 0.79
N ASN B 567 38.79 -2.09 1.06
CA ASN B 567 39.31 -1.17 2.05
C ASN B 567 39.40 -1.85 3.39
N ALA B 568 38.45 -2.73 3.70
CA ALA B 568 38.49 -3.43 4.97
C ALA B 568 39.76 -4.26 5.06
N GLU B 569 40.15 -4.91 3.97
CA GLU B 569 41.37 -5.70 3.94
C GLU B 569 42.56 -4.82 4.25
N LEU B 570 42.64 -3.68 3.56
CA LEU B 570 43.76 -2.78 3.71
C LEU B 570 43.83 -2.23 5.11
N ILE B 571 42.67 -1.86 5.64
CA ILE B 571 42.59 -1.32 6.97
C ILE B 571 42.98 -2.35 7.99
N SER B 572 42.45 -3.54 7.87
CA SER B 572 42.77 -4.57 8.83
C SER B 572 44.25 -4.83 8.84
N GLU B 573 44.85 -5.04 7.66
CA GLU B 573 46.26 -5.34 7.65
C GLU B 573 47.06 -4.24 8.30
N LYS B 574 46.75 -2.99 7.97
CA LYS B 574 47.48 -1.89 8.52
C LYS B 574 47.35 -1.86 10.04
N ILE B 575 46.16 -2.12 10.56
CA ILE B 575 45.94 -2.14 12.00
C ILE B 575 46.71 -3.25 12.65
N LEU B 576 46.58 -4.45 12.12
CA LEU B 576 47.18 -5.60 12.70
C LEU B 576 48.69 -5.43 12.75
N LYS B 577 49.26 -4.83 11.72
CA LYS B 577 50.69 -4.59 11.72
C LYS B 577 51.04 -3.58 12.79
N GLU B 578 50.31 -2.47 12.88
CA GLU B 578 50.63 -1.46 13.88
C GLU B 578 50.46 -1.99 15.29
N MET B 579 49.50 -2.90 15.49
CA MET B 579 49.25 -3.48 16.80
C MET B 579 50.23 -4.56 17.20
N GLY B 580 51.16 -4.90 16.31
CA GLY B 580 52.09 -5.95 16.64
C GLY B 580 51.64 -7.31 16.14
N VAL B 581 50.40 -7.46 15.68
CA VAL B 581 49.96 -8.78 15.25
C VAL B 581 50.74 -9.26 14.07
N LEU B 582 50.91 -8.37 13.12
CA LEU B 582 51.63 -8.69 11.93
C LEU B 582 53.04 -8.11 12.00
N ASN B 583 53.47 -7.75 13.23
CA ASN B 583 54.77 -7.15 13.43
C ASN B 583 55.53 -7.70 14.68
N GLY B 584 55.24 -8.93 15.12
CA GLY B 584 55.98 -9.57 16.23
C GLY B 584 55.66 -9.24 17.70
N GLN B 585 54.55 -8.56 18.01
CA GLN B 585 54.26 -8.20 19.41
C GLN B 585 52.83 -8.50 19.79
ZN ZN C . -25.36 7.43 28.04
ZN ZN D . -36.57 11.91 2.29
#